data_5C22
#
_entry.id   5C22
#
_cell.length_a   80.865
_cell.length_b   94.476
_cell.length_c   181.378
_cell.angle_alpha   90.00
_cell.angle_beta   90.00
_cell.angle_gamma   90.00
#
_symmetry.space_group_name_H-M   'P 21 21 21'
#
loop_
_entity.id
_entity.type
_entity.pdbx_description
1 polymer 'Chromosomal hemolysin D'
2 non-polymer 'ZINC ION'
3 water water
#
_entity_poly.entity_id   1
_entity_poly.type   'polypeptide(L)'
_entity_poly.pdbx_seq_one_letter_code
;MASKEIKPIENSIVKEIIVKEGESVRKGDVLLKLTALGAEADTLKTQSSLLQTRLEQTRYQILSRSIELNKLPELKLPDE
PYFQNVSEEEVLRLTSLIKEQFSTWQNQKYQKELNLDKKRAERLTILARINRYENLSRVEKSRLDDFRSLLHKQAIAKHA
VLEQENKYVEAANELRVYKSQLEQIESEILSAKEEYQLVTRLFKNEILDKLRQTTDNIELLTLELEKNEERQQASVIRAP
VSGKVQQLKVHTEGGVVTTAETLMVIVPEDDTLEVTALV
;
_entity_poly.pdbx_strand_id   A,B,C,D
#
loop_
_chem_comp.id
_chem_comp.type
_chem_comp.name
_chem_comp.formula
ZN non-polymer 'ZINC ION' 'Zn 2'
#
# COMPACT_ATOMS: atom_id res chain seq x y z
N SER A 3 -2.39 -78.52 -74.00
CA SER A 3 -3.77 -78.91 -73.76
C SER A 3 -4.56 -77.81 -73.06
N LYS A 4 -3.85 -76.97 -72.30
CA LYS A 4 -4.50 -75.86 -71.62
C LYS A 4 -3.85 -74.53 -72.01
N GLU A 5 -4.67 -73.53 -72.30
CA GLU A 5 -4.17 -72.24 -72.77
C GLU A 5 -3.81 -71.31 -71.60
N ILE A 6 -2.80 -70.49 -71.81
CA ILE A 6 -2.35 -69.56 -70.78
C ILE A 6 -2.56 -68.10 -71.18
N LYS A 7 -3.45 -67.43 -70.47
CA LYS A 7 -3.78 -66.04 -70.75
C LYS A 7 -3.56 -65.18 -69.51
N PRO A 8 -3.13 -63.92 -69.69
CA PRO A 8 -2.97 -63.00 -68.57
C PRO A 8 -4.32 -62.64 -67.92
N ILE A 9 -4.33 -62.55 -66.60
CA ILE A 9 -5.56 -62.22 -65.87
C ILE A 9 -5.92 -60.74 -66.04
N GLU A 10 -4.99 -59.96 -66.56
CA GLU A 10 -5.18 -58.52 -66.69
C GLU A 10 -4.19 -57.97 -67.72
N ASN A 11 -4.64 -56.96 -68.48
CA ASN A 11 -3.77 -56.30 -69.45
C ASN A 11 -2.51 -55.77 -68.77
N SER A 12 -1.35 -56.27 -69.21
CA SER A 12 -0.11 -55.98 -68.52
C SER A 12 1.10 -55.82 -69.42
N ILE A 13 2.25 -55.64 -68.77
CA ILE A 13 3.55 -55.56 -69.41
C ILE A 13 4.36 -56.78 -68.98
N VAL A 14 4.99 -57.43 -69.96
CA VAL A 14 5.82 -58.59 -69.69
C VAL A 14 7.08 -58.16 -68.93
N LYS A 15 7.10 -58.48 -67.65
CA LYS A 15 8.20 -58.12 -66.77
C LYS A 15 9.39 -59.06 -66.96
N GLU A 16 9.10 -60.36 -67.09
CA GLU A 16 10.15 -61.36 -67.26
C GLU A 16 9.65 -62.60 -67.99
N ILE A 17 10.40 -63.04 -69.00
CA ILE A 17 10.12 -64.31 -69.65
C ILE A 17 11.12 -65.35 -69.16
N ILE A 18 10.62 -66.36 -68.46
CA ILE A 18 11.52 -67.36 -67.88
C ILE A 18 11.57 -68.62 -68.72
N VAL A 19 10.43 -68.95 -69.33
CA VAL A 19 10.29 -70.16 -70.14
C VAL A 19 10.72 -69.98 -71.60
N LYS A 20 11.27 -71.04 -72.19
CA LYS A 20 11.55 -71.04 -73.62
C LYS A 20 10.65 -72.03 -74.37
N GLU A 21 10.65 -71.93 -75.69
CA GLU A 21 9.85 -72.79 -76.54
C GLU A 21 10.32 -74.26 -76.46
N GLY A 22 9.42 -75.14 -76.04
CA GLY A 22 9.72 -76.56 -75.95
C GLY A 22 10.24 -76.99 -74.59
N GLU A 23 10.33 -76.03 -73.67
CA GLU A 23 10.84 -76.28 -72.33
C GLU A 23 9.86 -77.10 -71.50
N SER A 24 10.39 -77.99 -70.66
CA SER A 24 9.54 -78.80 -69.79
C SER A 24 9.35 -78.14 -68.43
N VAL A 25 8.10 -78.03 -68.00
CA VAL A 25 7.78 -77.40 -66.72
C VAL A 25 6.85 -78.28 -65.88
N ARG A 26 6.92 -78.11 -64.56
CA ARG A 26 6.00 -78.79 -63.66
C ARG A 26 4.86 -77.88 -63.26
N LYS A 27 3.79 -78.48 -62.74
CA LYS A 27 2.66 -77.69 -62.26
C LYS A 27 3.12 -76.84 -61.09
N GLY A 28 2.97 -75.53 -61.21
CA GLY A 28 3.40 -74.60 -60.18
C GLY A 28 4.64 -73.81 -60.55
N ASP A 29 5.36 -74.25 -61.58
CA ASP A 29 6.55 -73.54 -62.02
C ASP A 29 6.17 -72.19 -62.62
N VAL A 30 7.00 -71.18 -62.37
CA VAL A 30 6.75 -69.84 -62.88
C VAL A 30 7.10 -69.76 -64.36
N LEU A 31 6.17 -69.27 -65.16
CA LEU A 31 6.36 -69.17 -66.60
C LEU A 31 6.57 -67.71 -67.03
N LEU A 32 5.80 -66.82 -66.42
CA LEU A 32 5.81 -65.41 -66.79
C LEU A 32 5.44 -64.53 -65.60
N LYS A 33 6.12 -63.39 -65.49
CA LYS A 33 5.75 -62.40 -64.50
C LYS A 33 5.26 -61.14 -65.21
N LEU A 34 4.08 -60.66 -64.82
CA LEU A 34 3.48 -59.51 -65.49
C LEU A 34 3.23 -58.35 -64.54
N THR A 35 3.35 -57.12 -65.02
CA THR A 35 2.97 -55.97 -64.21
C THR A 35 1.82 -55.21 -64.86
N ALA A 36 0.78 -54.90 -64.08
CA ALA A 36 -0.41 -54.25 -64.63
C ALA A 36 -0.08 -52.89 -65.23
N LEU A 37 -0.77 -52.54 -66.31
CA LEU A 37 -0.51 -51.30 -67.04
C LEU A 37 -0.73 -50.06 -66.18
N GLY A 38 0.29 -49.20 -66.16
CA GLY A 38 0.19 -47.92 -65.48
C GLY A 38 0.40 -47.95 -63.98
N ALA A 39 0.67 -49.14 -63.44
CA ALA A 39 0.82 -49.30 -62.00
C ALA A 39 2.05 -48.59 -61.43
N GLU A 40 3.18 -48.74 -62.11
CA GLU A 40 4.44 -48.19 -61.62
C GLU A 40 4.42 -46.67 -61.60
N ALA A 41 3.76 -46.07 -62.58
CA ALA A 41 3.65 -44.62 -62.65
C ALA A 41 2.80 -44.08 -61.50
N ASP A 42 1.69 -44.75 -61.22
CA ASP A 42 0.81 -44.37 -60.11
C ASP A 42 1.57 -44.45 -58.79
N THR A 43 2.23 -45.59 -58.58
CA THR A 43 3.01 -45.79 -57.36
C THR A 43 4.09 -44.73 -57.22
N LEU A 44 4.69 -44.36 -58.35
CA LEU A 44 5.73 -43.34 -58.39
C LEU A 44 5.17 -41.99 -57.93
N LYS A 45 3.99 -41.65 -58.44
CA LYS A 45 3.31 -40.41 -58.06
C LYS A 45 3.04 -40.36 -56.56
N THR A 46 2.46 -41.45 -56.04
CA THR A 46 2.13 -41.52 -54.62
C THR A 46 3.38 -41.41 -53.75
N GLN A 47 4.45 -42.07 -54.18
CA GLN A 47 5.73 -42.02 -53.48
C GLN A 47 6.29 -40.59 -53.47
N SER A 48 6.15 -39.89 -54.58
CA SER A 48 6.60 -38.52 -54.69
C SER A 48 5.87 -37.63 -53.68
N SER A 49 4.54 -37.78 -53.64
CA SER A 49 3.72 -37.03 -52.70
C SER A 49 4.13 -37.32 -51.25
N LEU A 50 4.39 -38.60 -50.97
CA LEU A 50 4.83 -39.02 -49.65
C LEU A 50 6.14 -38.34 -49.25
N LEU A 51 7.10 -38.33 -50.17
CA LEU A 51 8.38 -37.69 -49.93
C LEU A 51 8.20 -36.21 -49.62
N GLN A 52 7.38 -35.52 -50.42
CA GLN A 52 7.13 -34.11 -50.19
C GLN A 52 6.52 -33.85 -48.81
N THR A 53 5.48 -34.61 -48.48
CA THR A 53 4.78 -34.45 -47.20
C THR A 53 5.72 -34.70 -46.03
N ARG A 54 6.60 -35.69 -46.18
CA ARG A 54 7.57 -35.99 -45.14
C ARG A 54 8.59 -34.87 -44.98
N LEU A 55 8.99 -34.25 -46.10
CA LEU A 55 9.87 -33.09 -46.03
C LEU A 55 9.21 -31.99 -45.21
N GLU A 56 7.92 -31.76 -45.46
CA GLU A 56 7.18 -30.75 -44.71
C GLU A 56 7.10 -31.11 -43.22
N GLN A 57 6.87 -32.40 -42.94
CA GLN A 57 6.86 -32.90 -41.57
C GLN A 57 8.17 -32.59 -40.86
N THR A 58 9.28 -32.85 -41.53
CA THR A 58 10.61 -32.54 -41.01
C THR A 58 10.71 -31.04 -40.72
N ARG A 59 10.22 -30.24 -41.66
CA ARG A 59 10.20 -28.78 -41.51
C ARG A 59 9.55 -28.34 -40.21
N TYR A 60 8.33 -28.81 -39.98
CA TYR A 60 7.58 -28.34 -38.82
C TYR A 60 8.08 -28.95 -37.51
N GLN A 61 8.68 -30.14 -37.59
CA GLN A 61 9.32 -30.75 -36.43
C GLN A 61 10.52 -29.91 -35.99
N ILE A 62 11.35 -29.55 -36.96
CA ILE A 62 12.51 -28.72 -36.71
C ILE A 62 12.09 -27.37 -36.14
N LEU A 63 11.06 -26.77 -36.72
CA LEU A 63 10.59 -25.48 -36.22
C LEU A 63 10.06 -25.57 -34.78
N SER A 64 9.34 -26.65 -34.46
CA SER A 64 8.86 -26.85 -33.09
C SER A 64 10.05 -26.94 -32.13
N ARG A 65 11.05 -27.72 -32.52
CA ARG A 65 12.27 -27.86 -31.73
C ARG A 65 12.94 -26.50 -31.52
N SER A 66 12.91 -25.68 -32.57
CA SER A 66 13.49 -24.35 -32.52
C SER A 66 12.72 -23.45 -31.56
N ILE A 67 11.41 -23.70 -31.46
CA ILE A 67 10.60 -22.99 -30.48
C ILE A 67 11.06 -23.35 -29.08
N GLU A 68 11.26 -24.65 -28.85
CA GLU A 68 11.67 -25.10 -27.52
C GLU A 68 13.06 -24.61 -27.15
N LEU A 69 13.92 -24.44 -28.15
CA LEU A 69 15.30 -24.01 -27.90
C LEU A 69 15.53 -22.50 -28.04
N ASN A 70 14.59 -21.80 -28.67
CA ASN A 70 14.77 -20.40 -29.07
C ASN A 70 15.98 -20.24 -29.99
N LYS A 71 16.31 -21.30 -30.72
CA LYS A 71 17.35 -21.29 -31.74
C LYS A 71 17.16 -22.49 -32.66
N LEU A 72 17.62 -22.36 -33.90
CA LEU A 72 17.49 -23.45 -34.87
C LEU A 72 18.45 -24.59 -34.54
N PRO A 73 17.94 -25.83 -34.56
CA PRO A 73 18.81 -27.00 -34.47
C PRO A 73 19.58 -27.19 -35.77
N GLU A 74 20.40 -28.23 -35.85
CA GLU A 74 21.15 -28.47 -37.08
C GLU A 74 20.19 -28.84 -38.21
N LEU A 75 20.27 -28.10 -39.31
CA LEU A 75 19.34 -28.27 -40.41
C LEU A 75 19.75 -29.43 -41.32
N LYS A 76 19.53 -30.66 -40.85
CA LYS A 76 19.85 -31.82 -41.67
C LYS A 76 18.68 -32.80 -41.69
N LEU A 77 18.49 -33.46 -42.83
CA LEU A 77 17.51 -34.53 -42.91
C LEU A 77 18.01 -35.76 -42.16
N PRO A 78 17.13 -36.40 -41.37
CA PRO A 78 17.57 -37.68 -40.83
C PRO A 78 17.69 -38.71 -41.97
N ASP A 79 18.66 -39.61 -41.90
CA ASP A 79 18.84 -40.57 -42.99
C ASP A 79 18.06 -41.85 -42.74
N GLU A 80 16.82 -41.81 -43.19
CA GLU A 80 15.86 -42.89 -43.05
C GLU A 80 15.43 -43.26 -44.47
N PRO A 81 14.88 -44.46 -44.68
CA PRO A 81 14.64 -44.92 -46.06
C PRO A 81 13.72 -44.04 -46.92
N TYR A 82 12.82 -43.27 -46.32
CA TYR A 82 11.95 -42.40 -47.12
C TYR A 82 12.67 -41.15 -47.61
N PHE A 83 13.91 -40.96 -47.16
CA PHE A 83 14.72 -39.80 -47.53
C PHE A 83 15.90 -40.20 -48.41
N GLN A 84 15.68 -41.21 -49.24
CA GLN A 84 16.72 -41.73 -50.11
C GLN A 84 16.70 -41.14 -51.53
N ASN A 85 15.55 -40.60 -51.95
CA ASN A 85 15.47 -39.98 -53.27
C ASN A 85 15.21 -38.48 -53.20
N VAL A 86 15.90 -37.79 -52.31
CA VAL A 86 15.74 -36.34 -52.19
C VAL A 86 16.74 -35.55 -53.05
N SER A 87 16.21 -34.66 -53.87
CA SER A 87 17.02 -33.80 -54.72
C SER A 87 17.67 -32.66 -53.93
N GLU A 88 18.71 -32.05 -54.49
CA GLU A 88 19.37 -30.93 -53.83
C GLU A 88 18.43 -29.72 -53.73
N GLU A 89 17.57 -29.58 -54.72
CA GLU A 89 16.60 -28.49 -54.77
C GLU A 89 15.61 -28.60 -53.61
N GLU A 90 15.14 -29.80 -53.34
CA GLU A 90 14.17 -30.02 -52.27
C GLU A 90 14.77 -29.72 -50.89
N VAL A 91 16.02 -30.12 -50.70
CA VAL A 91 16.73 -29.86 -49.46
C VAL A 91 16.94 -28.36 -49.26
N LEU A 92 17.38 -27.71 -50.33
CA LEU A 92 17.61 -26.27 -50.31
C LEU A 92 16.33 -25.50 -50.00
N ARG A 93 15.24 -25.91 -50.63
CA ARG A 93 13.93 -25.29 -50.44
C ARG A 93 13.49 -25.46 -48.98
N LEU A 94 13.69 -26.66 -48.46
CA LEU A 94 13.36 -26.97 -47.08
C LEU A 94 14.08 -26.06 -46.09
N THR A 95 15.41 -26.03 -46.21
CA THR A 95 16.23 -25.24 -45.30
C THR A 95 15.91 -23.74 -45.41
N SER A 96 15.70 -23.28 -46.64
CA SER A 96 15.36 -21.87 -46.86
C SER A 96 14.04 -21.50 -46.19
N LEU A 97 13.05 -22.39 -46.33
CA LEU A 97 11.75 -22.17 -45.71
C LEU A 97 11.86 -22.11 -44.18
N ILE A 98 12.58 -23.08 -43.62
CA ILE A 98 12.80 -23.13 -42.17
C ILE A 98 13.44 -21.84 -41.68
N LYS A 99 14.56 -21.46 -42.31
CA LYS A 99 15.28 -20.25 -41.95
C LYS A 99 14.38 -19.01 -42.01
N GLU A 100 13.55 -18.93 -43.06
CA GLU A 100 12.75 -17.72 -43.25
C GLU A 100 11.66 -17.63 -42.18
N GLN A 101 10.98 -18.75 -41.91
CA GLN A 101 9.94 -18.74 -40.88
C GLN A 101 10.51 -18.44 -39.50
N PHE A 102 11.64 -19.06 -39.18
CA PHE A 102 12.29 -18.83 -37.89
C PHE A 102 12.65 -17.35 -37.75
N SER A 103 13.27 -16.80 -38.79
CA SER A 103 13.66 -15.40 -38.79
C SER A 103 12.46 -14.46 -38.56
N THR A 104 11.38 -14.70 -39.31
CA THR A 104 10.19 -13.87 -39.17
C THR A 104 9.62 -13.93 -37.75
N TRP A 105 9.50 -15.14 -37.22
CA TRP A 105 9.04 -15.33 -35.85
C TRP A 105 9.89 -14.52 -34.85
N GLN A 106 11.20 -14.69 -34.96
CA GLN A 106 12.14 -14.01 -34.06
C GLN A 106 12.00 -12.49 -34.14
N ASN A 107 11.85 -11.98 -35.35
CA ASN A 107 11.72 -10.53 -35.54
C ASN A 107 10.41 -9.98 -34.97
N GLN A 108 9.33 -10.74 -35.13
CA GLN A 108 8.03 -10.34 -34.57
C GLN A 108 8.14 -10.26 -33.05
N LYS A 109 8.71 -11.33 -32.46
CA LYS A 109 8.98 -11.35 -31.03
C LYS A 109 9.76 -10.12 -30.60
N TYR A 110 10.84 -9.83 -31.30
CA TYR A 110 11.68 -8.69 -30.93
C TYR A 110 10.94 -7.36 -31.02
N GLN A 111 10.06 -7.21 -32.00
CA GLN A 111 9.27 -5.98 -32.11
C GLN A 111 8.34 -5.79 -30.91
N LYS A 112 7.59 -6.84 -30.58
CA LYS A 112 6.69 -6.74 -29.44
C LYS A 112 7.46 -6.51 -28.13
N GLU A 113 8.62 -7.15 -28.01
CA GLU A 113 9.47 -6.98 -26.84
C GLU A 113 9.99 -5.55 -26.76
N LEU A 114 10.25 -4.95 -27.92
CA LEU A 114 10.69 -3.57 -28.01
C LEU A 114 9.61 -2.64 -27.46
N ASN A 115 8.38 -2.82 -27.92
CA ASN A 115 7.27 -2.03 -27.40
C ASN A 115 7.12 -2.18 -25.88
N LEU A 116 7.13 -3.43 -25.43
CA LEU A 116 7.05 -3.75 -24.00
C LEU A 116 8.11 -3.02 -23.18
N ASP A 117 9.35 -3.07 -23.66
CA ASP A 117 10.47 -2.46 -22.96
C ASP A 117 10.32 -0.94 -22.92
N LYS A 118 9.81 -0.37 -24.01
CA LYS A 118 9.56 1.07 -24.06
C LYS A 118 8.55 1.47 -22.98
N LYS A 119 7.50 0.67 -22.86
CA LYS A 119 6.50 0.92 -21.83
C LYS A 119 7.10 0.81 -20.42
N ARG A 120 7.98 -0.16 -20.23
CA ARG A 120 8.65 -0.32 -18.94
C ARG A 120 9.49 0.91 -18.57
N ALA A 121 10.27 1.38 -19.53
CA ALA A 121 11.08 2.59 -19.31
C ALA A 121 10.20 3.77 -18.94
N GLU A 122 9.10 3.94 -19.67
CA GLU A 122 8.17 5.01 -19.37
C GLU A 122 7.62 4.89 -17.94
N ARG A 123 7.34 3.66 -17.53
CA ARG A 123 6.88 3.41 -16.17
C ARG A 123 7.91 3.87 -15.15
N LEU A 124 9.18 3.57 -15.42
CA LEU A 124 10.26 4.01 -14.52
C LEU A 124 10.30 5.52 -14.39
N THR A 125 10.23 6.21 -15.54
CA THR A 125 10.20 7.67 -15.52
C THR A 125 9.04 8.22 -14.69
N ILE A 126 7.85 7.67 -14.91
CA ILE A 126 6.66 8.09 -14.19
C ILE A 126 6.82 7.89 -12.68
N LEU A 127 7.39 6.76 -12.29
CA LEU A 127 7.63 6.50 -10.87
C LEU A 127 8.59 7.51 -10.27
N ALA A 128 9.65 7.83 -11.00
CA ALA A 128 10.60 8.85 -10.54
C ALA A 128 9.90 10.18 -10.29
N ARG A 129 9.10 10.61 -11.27
CA ARG A 129 8.36 11.86 -11.14
C ARG A 129 7.39 11.84 -9.95
N ILE A 130 6.73 10.70 -9.75
CA ILE A 130 5.81 10.54 -8.63
C ILE A 130 6.53 10.73 -7.30
N ASN A 131 7.70 10.09 -7.16
CA ASN A 131 8.51 10.27 -5.95
C ASN A 131 8.88 11.73 -5.75
N ARG A 132 9.37 12.35 -6.82
CA ARG A 132 9.77 13.75 -6.78
C ARG A 132 8.67 14.66 -6.25
N TYR A 133 7.49 14.54 -6.83
CA TYR A 133 6.41 15.45 -6.50
C TYR A 133 5.69 15.05 -5.21
N GLU A 134 5.90 13.83 -4.74
CA GLU A 134 5.36 13.45 -3.45
C GLU A 134 6.21 14.12 -2.36
N ASN A 135 7.53 14.06 -2.55
CA ASN A 135 8.43 14.73 -1.62
C ASN A 135 8.23 16.24 -1.63
N LEU A 136 8.13 16.81 -2.83
CA LEU A 136 7.88 18.24 -2.98
C LEU A 136 6.55 18.64 -2.34
N SER A 137 5.50 17.86 -2.61
CA SER A 137 4.18 18.11 -2.05
C SER A 137 4.23 18.14 -0.53
N ARG A 138 4.90 17.14 0.06
CA ARG A 138 4.94 17.08 1.51
C ARG A 138 5.71 18.25 2.09
N VAL A 139 6.83 18.59 1.45
CA VAL A 139 7.63 19.73 1.91
C VAL A 139 6.82 21.02 1.92
N GLU A 140 6.19 21.33 0.78
CA GLU A 140 5.40 22.55 0.67
C GLU A 140 4.20 22.56 1.61
N LYS A 141 3.65 21.37 1.86
CA LYS A 141 2.55 21.25 2.80
C LYS A 141 3.01 21.56 4.23
N SER A 142 4.22 21.12 4.58
CA SER A 142 4.66 21.35 5.94
C SER A 142 5.04 22.81 6.14
N ARG A 143 5.66 23.40 5.12
CA ARG A 143 6.06 24.79 5.18
C ARG A 143 4.79 25.65 5.26
N LEU A 144 3.78 25.26 4.48
CA LEU A 144 2.49 25.96 4.49
C LEU A 144 1.77 25.85 5.83
N ASP A 145 1.82 24.68 6.47
CA ASP A 145 1.19 24.50 7.77
C ASP A 145 1.88 25.38 8.80
N ASP A 146 3.21 25.45 8.73
CA ASP A 146 3.92 26.34 9.62
C ASP A 146 3.46 27.78 9.37
N PHE A 147 3.29 28.14 8.10
CA PHE A 147 2.84 29.49 7.71
C PHE A 147 1.44 29.96 8.13
N ARG A 148 0.42 29.11 7.99
CA ARG A 148 -0.98 29.54 8.18
C ARG A 148 -1.52 29.70 9.60
N SER A 149 -0.81 29.20 10.60
CA SER A 149 -1.21 29.45 11.99
C SER A 149 -0.35 30.56 12.57
N LEU A 150 0.59 31.04 11.76
CA LEU A 150 1.31 32.26 12.07
C LEU A 150 0.40 33.42 11.63
N LEU A 151 -0.56 33.06 10.79
CA LEU A 151 -1.65 33.94 10.38
C LEU A 151 -2.52 34.26 11.59
N HIS A 152 -2.80 33.23 12.38
CA HIS A 152 -3.69 33.33 13.52
C HIS A 152 -2.98 33.93 14.72
N LYS A 153 -1.67 34.06 14.60
CA LYS A 153 -0.88 34.81 15.57
C LYS A 153 -0.28 35.99 14.84
N GLN A 154 -0.86 36.28 13.67
CA GLN A 154 -0.56 37.46 12.85
C GLN A 154 0.93 37.82 12.81
N ALA A 155 1.75 36.81 12.50
CA ALA A 155 3.18 36.99 12.45
C ALA A 155 3.63 36.94 10.99
N ILE A 156 2.68 36.76 10.09
CA ILE A 156 2.98 36.67 8.67
C ILE A 156 1.86 37.29 7.82
N ALA A 157 2.24 37.81 6.66
CA ALA A 157 1.29 38.40 5.73
C ALA A 157 0.45 37.33 5.02
N LYS A 158 -0.81 37.65 4.77
CA LYS A 158 -1.72 36.75 4.06
C LYS A 158 -1.18 36.38 2.68
N HIS A 159 -0.49 37.32 2.04
CA HIS A 159 0.04 37.14 0.69
C HIS A 159 1.03 35.98 0.58
N ALA A 160 1.95 35.92 1.54
CA ALA A 160 2.95 34.86 1.60
C ALA A 160 2.25 33.51 1.71
N VAL A 161 1.20 33.49 2.52
CA VAL A 161 0.38 32.31 2.70
C VAL A 161 -0.28 31.88 1.41
N LEU A 162 -0.87 32.83 0.69
CA LEU A 162 -1.50 32.52 -0.59
C LEU A 162 -0.53 31.94 -1.60
N GLU A 163 0.69 32.45 -1.63
CA GLU A 163 1.63 31.96 -2.63
C GLU A 163 2.19 30.59 -2.22
N GLN A 164 2.38 30.37 -0.92
CA GLN A 164 2.82 29.06 -0.46
C GLN A 164 1.74 28.01 -0.75
N GLU A 165 0.48 28.42 -0.58
CA GLU A 165 -0.65 27.56 -0.89
C GLU A 165 -0.68 27.25 -2.39
N ASN A 166 -0.35 28.26 -3.20
CA ASN A 166 -0.25 28.07 -4.64
C ASN A 166 0.81 27.02 -5.01
N LYS A 167 1.99 27.17 -4.42
CA LYS A 167 3.09 26.22 -4.64
C LYS A 167 2.67 24.79 -4.28
N TYR A 168 2.11 24.65 -3.08
CA TYR A 168 1.67 23.35 -2.60
C TYR A 168 0.62 22.74 -3.53
N VAL A 169 -0.34 23.55 -3.94
CA VAL A 169 -1.41 23.08 -4.82
C VAL A 169 -0.83 22.57 -6.14
N GLU A 170 0.10 23.31 -6.72
CA GLU A 170 0.75 22.85 -7.95
C GLU A 170 1.42 21.48 -7.74
N ALA A 171 2.17 21.36 -6.65
CA ALA A 171 2.84 20.10 -6.35
C ALA A 171 1.85 18.94 -6.26
N ALA A 172 0.77 19.13 -5.51
CA ALA A 172 -0.23 18.09 -5.33
C ALA A 172 -0.91 17.69 -6.64
N ASN A 173 -1.25 18.69 -7.46
CA ASN A 173 -1.88 18.43 -8.74
C ASN A 173 -0.96 17.60 -9.65
N GLU A 174 0.31 17.99 -9.70
CA GLU A 174 1.28 17.26 -10.49
C GLU A 174 1.37 15.80 -10.03
N LEU A 175 1.42 15.62 -8.71
CA LEU A 175 1.46 14.28 -8.14
C LEU A 175 0.26 13.43 -8.57
N ARG A 176 -0.94 13.99 -8.46
CA ARG A 176 -2.15 13.26 -8.83
C ARG A 176 -2.09 12.84 -10.31
N VAL A 177 -1.72 13.80 -11.15
CA VAL A 177 -1.57 13.53 -12.58
C VAL A 177 -0.65 12.35 -12.85
N TYR A 178 0.54 12.38 -12.25
CA TYR A 178 1.50 11.31 -12.48
C TYR A 178 1.07 9.96 -11.90
N LYS A 179 0.28 9.98 -10.83
CA LYS A 179 -0.26 8.74 -10.27
C LYS A 179 -1.23 8.10 -11.26
N SER A 180 -2.13 8.92 -11.81
CA SER A 180 -3.07 8.44 -12.82
C SER A 180 -2.32 7.88 -14.02
N GLN A 181 -1.26 8.59 -14.42
CA GLN A 181 -0.40 8.12 -15.51
C GLN A 181 0.22 6.77 -15.18
N LEU A 182 0.58 6.56 -13.92
CA LEU A 182 1.13 5.27 -13.49
C LEU A 182 0.12 4.15 -13.69
N GLU A 183 -1.12 4.40 -13.26
CA GLU A 183 -2.15 3.37 -13.46
C GLU A 183 -2.32 3.03 -14.94
N GLN A 184 -2.41 4.08 -15.76
CA GLN A 184 -2.60 3.87 -17.20
C GLN A 184 -1.45 3.09 -17.84
N ILE A 185 -0.22 3.48 -17.51
CA ILE A 185 0.95 2.84 -18.10
C ILE A 185 1.06 1.40 -17.61
N GLU A 186 0.58 1.12 -16.41
CA GLU A 186 0.59 -0.26 -15.92
C GLU A 186 -0.37 -1.10 -16.76
N SER A 187 -1.53 -0.54 -17.05
CA SER A 187 -2.49 -1.22 -17.93
C SER A 187 -1.86 -1.50 -19.30
N GLU A 188 -1.20 -0.49 -19.85
CA GLU A 188 -0.56 -0.62 -21.15
C GLU A 188 0.55 -1.67 -21.15
N ILE A 189 1.25 -1.78 -20.02
CA ILE A 189 2.27 -2.80 -19.86
C ILE A 189 1.66 -4.18 -19.91
N LEU A 190 0.53 -4.36 -19.21
CA LEU A 190 -0.19 -5.63 -19.26
C LEU A 190 -0.55 -6.00 -20.71
N SER A 191 -1.14 -5.03 -21.42
CA SER A 191 -1.52 -5.26 -22.81
C SER A 191 -0.31 -5.62 -23.69
N ALA A 192 0.81 -4.94 -23.45
CA ALA A 192 2.04 -5.17 -24.20
C ALA A 192 2.57 -6.59 -23.95
N LYS A 193 2.48 -7.02 -22.70
CA LYS A 193 2.87 -8.39 -22.36
C LYS A 193 2.02 -9.39 -23.13
N GLU A 194 0.73 -9.11 -23.23
CA GLU A 194 -0.16 -10.03 -23.92
C GLU A 194 0.10 -10.06 -25.43
N GLU A 195 0.51 -8.92 -25.98
CA GLU A 195 0.92 -8.86 -27.37
C GLU A 195 2.20 -9.66 -27.61
N TYR A 196 3.19 -9.46 -26.76
CA TYR A 196 4.45 -10.19 -26.86
C TYR A 196 4.25 -11.71 -26.80
N GLN A 197 3.43 -12.16 -25.86
CA GLN A 197 3.17 -13.60 -25.70
C GLN A 197 2.35 -14.18 -26.85
N LEU A 198 1.45 -13.36 -27.40
CA LEU A 198 0.57 -13.84 -28.48
C LEU A 198 1.35 -14.32 -29.72
N VAL A 199 2.46 -13.66 -30.01
CA VAL A 199 3.30 -14.03 -31.15
C VAL A 199 3.73 -15.49 -31.11
N THR A 200 4.42 -15.86 -30.02
CA THR A 200 4.93 -17.21 -29.86
C THR A 200 3.79 -18.20 -29.65
N ARG A 201 2.72 -17.76 -28.99
CA ARG A 201 1.54 -18.62 -28.80
C ARG A 201 0.99 -19.07 -30.16
N LEU A 202 0.76 -18.10 -31.03
CA LEU A 202 0.23 -18.39 -32.36
C LEU A 202 1.21 -19.19 -33.21
N PHE A 203 2.50 -18.86 -33.12
CA PHE A 203 3.51 -19.61 -33.88
C PHE A 203 3.50 -21.09 -33.49
N LYS A 204 3.55 -21.35 -32.19
CA LYS A 204 3.51 -22.70 -31.64
C LYS A 204 2.25 -23.44 -32.08
N ASN A 205 1.10 -22.77 -31.95
CA ASN A 205 -0.16 -23.37 -32.35
C ASN A 205 -0.18 -23.75 -33.83
N GLU A 206 0.26 -22.83 -34.68
CA GLU A 206 0.26 -23.05 -36.12
C GLU A 206 1.19 -24.18 -36.53
N ILE A 207 2.33 -24.28 -35.84
CA ILE A 207 3.25 -25.38 -36.08
C ILE A 207 2.63 -26.72 -35.69
N LEU A 208 1.99 -26.76 -34.52
CA LEU A 208 1.30 -27.98 -34.10
C LEU A 208 0.23 -28.40 -35.11
N ASP A 209 -0.54 -27.42 -35.59
CA ASP A 209 -1.59 -27.67 -36.57
C ASP A 209 -1.04 -28.26 -37.85
N LYS A 210 -0.01 -27.61 -38.40
CA LYS A 210 0.61 -28.08 -39.64
C LYS A 210 1.23 -29.47 -39.49
N LEU A 211 1.82 -29.73 -38.33
CA LEU A 211 2.41 -31.03 -38.05
C LEU A 211 1.34 -32.11 -38.05
N ARG A 212 0.22 -31.83 -37.38
CA ARG A 212 -0.93 -32.74 -37.39
C ARG A 212 -1.40 -33.00 -38.81
N GLN A 213 -1.59 -31.93 -39.59
CA GLN A 213 -2.06 -32.03 -40.97
C GLN A 213 -1.14 -32.94 -41.79
N THR A 214 0.17 -32.76 -41.63
CA THR A 214 1.14 -33.58 -42.36
C THR A 214 1.02 -35.03 -41.93
N THR A 215 0.74 -35.26 -40.65
CA THR A 215 0.55 -36.63 -40.16
C THR A 215 -0.66 -37.29 -40.83
N ASP A 216 -1.79 -36.58 -40.86
CA ASP A 216 -3.00 -37.10 -41.49
C ASP A 216 -2.75 -37.41 -42.97
N ASN A 217 -2.07 -36.48 -43.62
CA ASN A 217 -1.77 -36.59 -45.04
C ASN A 217 -0.88 -37.81 -45.31
N ILE A 218 0.08 -38.04 -44.43
CA ILE A 218 0.95 -39.21 -44.54
C ILE A 218 0.13 -40.49 -44.37
N GLU A 219 -0.83 -40.45 -43.46
CA GLU A 219 -1.72 -41.61 -43.27
C GLU A 219 -2.49 -41.96 -44.55
N LEU A 220 -3.19 -40.96 -45.10
CA LEU A 220 -4.01 -41.19 -46.29
C LEU A 220 -3.17 -41.59 -47.50
N LEU A 221 -2.03 -40.93 -47.67
CA LEU A 221 -1.12 -41.24 -48.76
C LEU A 221 -0.54 -42.65 -48.59
N THR A 222 -0.39 -43.08 -47.34
CA THR A 222 0.09 -44.41 -47.04
C THR A 222 -0.94 -45.44 -47.47
N LEU A 223 -2.21 -45.17 -47.18
CA LEU A 223 -3.28 -46.06 -47.64
C LEU A 223 -3.29 -46.18 -49.16
N GLU A 224 -3.21 -45.02 -49.82
CA GLU A 224 -3.18 -44.99 -51.28
C GLU A 224 -1.98 -45.77 -51.84
N LEU A 225 -0.84 -45.64 -51.15
CA LEU A 225 0.37 -46.37 -51.51
C LEU A 225 0.16 -47.87 -51.37
N GLU A 226 -0.53 -48.26 -50.31
CA GLU A 226 -0.85 -49.66 -50.09
C GLU A 226 -1.68 -50.21 -51.24
N LYS A 227 -2.71 -49.47 -51.66
CA LYS A 227 -3.49 -49.89 -52.83
C LYS A 227 -2.62 -50.00 -54.08
N ASN A 228 -1.79 -48.99 -54.30
CA ASN A 228 -0.88 -48.97 -55.45
C ASN A 228 0.07 -50.17 -55.47
N GLU A 229 0.63 -50.50 -54.32
CA GLU A 229 1.56 -51.62 -54.19
C GLU A 229 0.84 -52.95 -54.37
N GLU A 230 -0.43 -52.98 -53.95
CA GLU A 230 -1.24 -54.19 -54.13
C GLU A 230 -1.49 -54.44 -55.61
N ARG A 231 -1.83 -53.39 -56.35
CA ARG A 231 -2.08 -53.54 -57.78
C ARG A 231 -0.80 -53.74 -58.60
N GLN A 232 0.29 -53.14 -58.14
CA GLN A 232 1.54 -53.13 -58.90
C GLN A 232 2.37 -54.40 -58.81
N GLN A 233 2.19 -55.17 -57.74
CA GLN A 233 3.05 -56.34 -57.52
C GLN A 233 2.82 -57.35 -58.64
N ALA A 234 3.93 -57.91 -59.11
CA ALA A 234 3.93 -58.73 -60.32
C ALA A 234 3.00 -59.92 -60.20
N SER A 235 2.18 -60.13 -61.22
CA SER A 235 1.38 -61.33 -61.28
C SER A 235 2.24 -62.45 -61.83
N VAL A 236 2.13 -63.63 -61.23
CA VAL A 236 2.90 -64.77 -61.67
C VAL A 236 1.96 -65.79 -62.29
N ILE A 237 2.33 -66.28 -63.48
CA ILE A 237 1.56 -67.34 -64.10
C ILE A 237 2.30 -68.65 -63.90
N ARG A 238 1.64 -69.58 -63.21
CA ARG A 238 2.24 -70.87 -62.93
C ARG A 238 1.61 -71.92 -63.84
N ALA A 239 2.38 -72.92 -64.21
CA ALA A 239 1.87 -74.00 -65.04
C ALA A 239 0.74 -74.71 -64.31
N PRO A 240 -0.46 -74.74 -64.93
CA PRO A 240 -1.61 -75.40 -64.31
C PRO A 240 -1.48 -76.92 -64.43
N VAL A 241 -0.67 -77.36 -65.38
CA VAL A 241 -0.35 -78.77 -65.55
C VAL A 241 1.14 -78.90 -65.87
N SER A 242 1.68 -80.10 -65.69
CA SER A 242 3.08 -80.34 -66.01
C SER A 242 3.22 -80.67 -67.49
N GLY A 243 4.37 -80.39 -68.07
CA GLY A 243 4.60 -80.72 -69.46
C GLY A 243 5.45 -79.75 -70.26
N LYS A 244 5.19 -79.71 -71.56
CA LYS A 244 5.97 -78.94 -72.52
C LYS A 244 5.33 -77.59 -72.84
N VAL A 245 6.17 -76.58 -73.00
CA VAL A 245 5.70 -75.27 -73.43
C VAL A 245 5.72 -75.20 -74.96
N GLN A 246 4.54 -75.03 -75.56
CA GLN A 246 4.45 -74.90 -77.01
C GLN A 246 3.66 -73.66 -77.41
N GLN A 247 3.86 -73.26 -78.66
CA GLN A 247 3.17 -72.12 -79.25
C GLN A 247 3.38 -70.86 -78.43
N LEU A 248 4.62 -70.58 -78.04
CA LEU A 248 4.92 -69.38 -77.27
C LEU A 248 4.97 -68.15 -78.17
N LYS A 249 4.05 -67.22 -77.95
CA LYS A 249 4.00 -66.01 -78.76
C LYS A 249 4.44 -64.78 -77.96
N VAL A 250 5.50 -64.93 -77.16
CA VAL A 250 6.01 -63.85 -76.32
C VAL A 250 7.51 -64.00 -76.10
N HIS A 251 8.28 -63.05 -76.59
CA HIS A 251 9.73 -63.09 -76.42
C HIS A 251 10.27 -61.73 -76.02
N THR A 252 9.44 -60.70 -76.16
CA THR A 252 9.84 -59.34 -75.84
C THR A 252 9.49 -58.93 -74.40
N GLU A 253 10.52 -58.65 -73.61
CA GLU A 253 10.33 -58.09 -72.28
C GLU A 253 9.92 -56.62 -72.42
N GLY A 254 8.93 -56.19 -71.65
CA GLY A 254 8.47 -54.82 -71.75
C GLY A 254 7.33 -54.55 -72.70
N GLY A 255 6.88 -55.57 -73.43
CA GLY A 255 5.78 -55.38 -74.37
C GLY A 255 4.44 -55.67 -73.74
N VAL A 256 3.37 -55.22 -74.39
CA VAL A 256 2.01 -55.39 -73.87
C VAL A 256 1.34 -56.70 -74.29
N VAL A 257 0.71 -57.35 -73.31
CA VAL A 257 -0.11 -58.53 -73.57
C VAL A 257 -1.54 -58.27 -73.06
N THR A 258 -2.54 -58.83 -73.74
CA THR A 258 -3.92 -58.58 -73.39
C THR A 258 -4.59 -59.89 -72.93
N THR A 259 -5.66 -59.78 -72.15
CA THR A 259 -6.38 -60.94 -71.60
C THR A 259 -6.94 -61.89 -72.65
N ALA A 260 -7.08 -61.42 -73.89
CA ALA A 260 -7.63 -62.24 -74.95
C ALA A 260 -6.53 -62.99 -75.70
N GLU A 261 -5.29 -62.73 -75.34
CA GLU A 261 -4.13 -63.33 -76.01
C GLU A 261 -3.68 -64.61 -75.33
N THR A 262 -3.41 -65.64 -76.12
CA THR A 262 -2.83 -66.88 -75.60
C THR A 262 -1.32 -66.84 -75.71
N LEU A 263 -0.67 -66.68 -74.56
CA LEU A 263 0.77 -66.50 -74.51
C LEU A 263 1.52 -67.78 -74.83
N MET A 264 0.97 -68.91 -74.38
CA MET A 264 1.55 -70.22 -74.64
C MET A 264 0.55 -71.31 -74.26
N VAL A 265 0.86 -72.54 -74.63
CA VAL A 265 0.05 -73.69 -74.23
C VAL A 265 0.94 -74.75 -73.59
N ILE A 266 0.44 -75.45 -72.58
CA ILE A 266 1.20 -76.52 -71.94
C ILE A 266 0.63 -77.87 -72.31
N VAL A 267 1.45 -78.69 -72.98
CA VAL A 267 1.00 -80.01 -73.44
C VAL A 267 1.72 -81.15 -72.73
N PRO A 268 0.96 -82.14 -72.24
CA PRO A 268 -0.50 -82.21 -72.31
C PRO A 268 -1.18 -81.59 -71.08
N ALA B 2 16.89 65.30 88.06
CA ALA B 2 15.67 65.96 87.62
C ALA B 2 14.65 64.94 87.12
N SER B 3 13.42 65.39 86.91
CA SER B 3 12.34 64.52 86.48
C SER B 3 12.47 64.17 85.01
N LYS B 4 11.79 63.10 84.59
CA LYS B 4 11.84 62.70 83.18
C LYS B 4 10.46 62.61 82.55
N GLU B 5 10.31 63.18 81.36
CA GLU B 5 9.03 63.17 80.65
C GLU B 5 8.90 61.91 79.80
N ILE B 6 7.69 61.40 79.65
CA ILE B 6 7.48 60.21 78.83
C ILE B 6 6.65 60.51 77.59
N LYS B 7 7.28 60.38 76.43
CA LYS B 7 6.63 60.64 75.15
C LYS B 7 6.73 59.42 74.24
N PRO B 8 5.69 59.18 73.43
CA PRO B 8 5.72 58.09 72.46
C PRO B 8 6.70 58.37 71.32
N ILE B 9 7.42 57.35 70.89
CA ILE B 9 8.39 57.49 69.81
C ILE B 9 7.68 57.64 68.47
N GLU B 10 6.38 57.37 68.46
CA GLU B 10 5.59 57.37 67.23
C GLU B 10 4.11 57.50 67.58
N ASN B 11 3.35 58.21 66.75
CA ASN B 11 1.90 58.31 66.92
C ASN B 11 1.28 56.92 66.96
N SER B 12 0.60 56.60 68.06
CA SER B 12 0.13 55.24 68.25
C SER B 12 -1.22 55.14 68.95
N ILE B 13 -1.62 53.90 69.20
CA ILE B 13 -2.83 53.56 69.93
C ILE B 13 -2.44 52.92 71.26
N VAL B 14 -3.05 53.39 72.34
CA VAL B 14 -2.77 52.85 73.65
C VAL B 14 -3.31 51.43 73.80
N LYS B 15 -2.41 50.46 73.79
CA LYS B 15 -2.77 49.06 73.93
C LYS B 15 -3.07 48.69 75.37
N GLU B 16 -2.23 49.17 76.29
CA GLU B 16 -2.40 48.86 77.70
C GLU B 16 -1.75 49.89 78.61
N ILE B 17 -2.50 50.34 79.62
CA ILE B 17 -1.94 51.19 80.67
C ILE B 17 -1.71 50.37 81.93
N ILE B 18 -0.46 50.27 82.36
CA ILE B 18 -0.14 49.43 83.52
C ILE B 18 0.06 50.25 84.80
N VAL B 19 0.59 51.45 84.65
CA VAL B 19 0.89 52.32 85.78
C VAL B 19 -0.29 53.19 86.24
N LYS B 20 -0.37 53.48 87.53
CA LYS B 20 -1.36 54.42 88.05
C LYS B 20 -0.70 55.70 88.54
N GLU B 21 -1.52 56.72 88.79
CA GLU B 21 -1.05 57.99 89.31
C GLU B 21 -0.50 57.84 90.73
N GLY B 22 0.78 58.21 90.90
CA GLY B 22 1.42 58.16 92.20
C GLY B 22 2.16 56.86 92.45
N GLU B 23 2.12 55.96 91.47
CA GLU B 23 2.77 54.66 91.60
C GLU B 23 4.29 54.79 91.50
N SER B 24 5.00 53.99 92.29
CA SER B 24 6.45 53.98 92.27
C SER B 24 6.97 52.92 91.29
N VAL B 25 7.89 53.33 90.42
CA VAL B 25 8.45 52.41 89.44
C VAL B 25 9.98 52.42 89.49
N ARG B 26 10.57 51.30 89.09
CA ARG B 26 12.02 51.20 88.97
C ARG B 26 12.42 51.37 87.49
N LYS B 27 13.68 51.68 87.25
CA LYS B 27 14.17 51.82 85.89
C LYS B 27 14.07 50.50 85.13
N GLY B 28 13.35 50.53 84.00
CA GLY B 28 13.15 49.34 83.21
C GLY B 28 11.75 48.78 83.29
N ASP B 29 10.97 49.25 84.27
CA ASP B 29 9.59 48.81 84.43
C ASP B 29 8.74 49.29 83.27
N VAL B 30 7.80 48.45 82.83
CA VAL B 30 6.92 48.79 81.73
C VAL B 30 5.83 49.75 82.20
N LEU B 31 5.65 50.84 81.47
CA LEU B 31 4.66 51.85 81.82
C LEU B 31 3.48 51.80 80.86
N LEU B 32 3.79 51.59 79.58
CA LEU B 32 2.79 51.66 78.53
C LEU B 32 3.14 50.75 77.36
N LYS B 33 2.11 50.13 76.78
CA LYS B 33 2.27 49.35 75.57
C LYS B 33 1.52 50.06 74.45
N LEU B 34 2.19 50.28 73.33
CA LEU B 34 1.55 50.99 72.22
C LEU B 34 1.55 50.16 70.95
N THR B 35 0.50 50.32 70.15
CA THR B 35 0.42 49.68 68.83
C THR B 35 0.40 50.74 67.73
N ALA B 36 1.20 50.55 66.69
CA ALA B 36 1.31 51.53 65.61
C ALA B 36 -0.02 51.72 64.90
N LEU B 37 -0.28 52.95 64.47
CA LEU B 37 -1.54 53.31 63.83
C LEU B 37 -1.80 52.53 62.54
N GLY B 38 -2.96 51.90 62.46
CA GLY B 38 -3.39 51.23 61.25
C GLY B 38 -2.81 49.85 60.99
N ALA B 39 -1.98 49.36 61.92
CA ALA B 39 -1.29 48.08 61.73
C ALA B 39 -2.22 46.86 61.71
N GLU B 40 -3.18 46.84 62.62
CA GLU B 40 -4.06 45.69 62.79
C GLU B 40 -4.91 45.47 61.55
N ALA B 41 -5.37 46.57 60.96
CA ALA B 41 -6.17 46.53 59.76
C ALA B 41 -5.34 46.01 58.58
N ASP B 42 -4.10 46.46 58.49
CA ASP B 42 -3.17 46.02 57.47
C ASP B 42 -2.99 44.51 57.53
N THR B 43 -2.69 44.03 58.74
CA THR B 43 -2.48 42.61 58.97
C THR B 43 -3.73 41.80 58.59
N LEU B 44 -4.91 42.34 58.94
CA LEU B 44 -6.15 41.66 58.60
C LEU B 44 -6.34 41.53 57.08
N LYS B 45 -6.09 42.64 56.37
CA LYS B 45 -6.22 42.65 54.92
C LYS B 45 -5.30 41.61 54.26
N THR B 46 -4.03 41.64 54.66
CA THR B 46 -3.05 40.72 54.09
C THR B 46 -3.45 39.26 54.37
N GLN B 47 -3.92 39.01 55.59
CA GLN B 47 -4.34 37.67 55.98
C GLN B 47 -5.51 37.18 55.13
N SER B 48 -6.48 38.06 54.89
CA SER B 48 -7.62 37.70 54.06
C SER B 48 -7.19 37.35 52.64
N SER B 49 -6.32 38.19 52.06
CA SER B 49 -5.80 37.92 50.73
C SER B 49 -5.10 36.56 50.67
N LEU B 50 -4.33 36.27 51.72
CA LEU B 50 -3.63 34.99 51.81
C LEU B 50 -4.62 33.83 51.79
N LEU B 51 -5.68 33.94 52.58
CA LEU B 51 -6.70 32.90 52.62
C LEU B 51 -7.32 32.67 51.25
N GLN B 52 -7.65 33.77 50.56
CA GLN B 52 -8.23 33.67 49.22
C GLN B 52 -7.31 32.93 48.26
N THR B 53 -6.04 33.35 48.22
CA THR B 53 -5.08 32.72 47.32
C THR B 53 -4.87 31.24 47.65
N ARG B 54 -4.93 30.91 48.93
CA ARG B 54 -4.79 29.52 49.35
C ARG B 54 -5.98 28.69 48.89
N LEU B 55 -7.17 29.29 48.94
CA LEU B 55 -8.37 28.64 48.43
C LEU B 55 -8.21 28.35 46.93
N GLU B 56 -7.70 29.33 46.19
CA GLU B 56 -7.49 29.16 44.76
C GLU B 56 -6.48 28.03 44.48
N GLN B 57 -5.41 28.02 45.27
CA GLN B 57 -4.41 26.95 45.17
C GLN B 57 -5.04 25.57 45.38
N THR B 58 -5.89 25.45 46.40
CA THR B 58 -6.59 24.19 46.65
C THR B 58 -7.44 23.81 45.44
N ARG B 59 -8.13 24.81 44.89
CA ARG B 59 -8.96 24.65 43.70
C ARG B 59 -8.18 24.04 42.52
N TYR B 60 -7.04 24.64 42.18
CA TYR B 60 -6.31 24.19 41.00
C TYR B 60 -5.58 22.87 41.24
N GLN B 61 -5.24 22.59 42.50
CA GLN B 61 -4.66 21.30 42.85
C GLN B 61 -5.70 20.19 42.64
N ILE B 62 -6.91 20.43 43.15
CA ILE B 62 -8.01 19.49 42.99
C ILE B 62 -8.32 19.26 41.52
N LEU B 63 -8.35 20.34 40.74
CA LEU B 63 -8.61 20.22 39.31
C LEU B 63 -7.52 19.42 38.58
N SER B 64 -6.26 19.62 38.97
CA SER B 64 -5.17 18.82 38.39
C SER B 64 -5.37 17.34 38.69
N ARG B 65 -5.71 17.05 39.94
CA ARG B 65 -5.98 15.68 40.36
C ARG B 65 -7.11 15.08 39.53
N SER B 66 -8.13 15.89 39.26
CA SER B 66 -9.26 15.45 38.46
C SER B 66 -8.84 15.20 37.02
N ILE B 67 -7.85 15.96 36.55
CA ILE B 67 -7.32 15.72 35.21
C ILE B 67 -6.69 14.35 35.11
N GLU B 68 -5.81 14.03 36.07
CA GLU B 68 -5.17 12.72 36.01
C GLU B 68 -6.15 11.57 36.29
N LEU B 69 -7.22 11.82 37.03
CA LEU B 69 -8.22 10.78 37.31
C LEU B 69 -9.36 10.72 36.29
N ASN B 70 -9.53 11.80 35.51
CA ASN B 70 -10.69 11.99 34.63
C ASN B 70 -12.01 11.92 35.39
N LYS B 71 -11.95 12.27 36.67
CA LYS B 71 -13.13 12.39 37.51
C LYS B 71 -12.76 13.22 38.74
N LEU B 72 -13.74 13.91 39.30
CA LEU B 72 -13.47 14.76 40.46
C LEU B 72 -13.20 13.92 41.71
N PRO B 73 -12.12 14.27 42.43
CA PRO B 73 -11.89 13.68 43.75
C PRO B 73 -12.86 14.29 44.75
N GLU B 74 -12.74 13.90 46.01
CA GLU B 74 -13.64 14.43 47.03
C GLU B 74 -13.38 15.93 47.22
N LEU B 75 -14.43 16.73 47.10
CA LEU B 75 -14.30 18.17 47.16
C LEU B 75 -14.21 18.65 48.60
N LYS B 76 -13.03 18.49 49.19
CA LYS B 76 -12.79 18.89 50.57
C LYS B 76 -11.54 19.74 50.71
N LEU B 77 -11.57 20.65 51.68
CA LEU B 77 -10.39 21.43 52.02
C LEU B 77 -9.36 20.49 52.62
N PRO B 78 -8.08 20.66 52.26
CA PRO B 78 -7.06 19.87 52.96
C PRO B 78 -7.07 20.27 54.42
N ASP B 79 -6.74 19.35 55.31
CA ASP B 79 -6.88 19.65 56.73
C ASP B 79 -5.60 20.31 57.23
N GLU B 80 -5.48 21.60 56.96
CA GLU B 80 -4.33 22.39 57.37
C GLU B 80 -4.74 23.68 58.11
N PRO B 81 -3.82 24.27 58.89
CA PRO B 81 -4.10 25.43 59.75
C PRO B 81 -4.55 26.73 59.07
N TYR B 82 -4.26 26.94 57.79
CA TYR B 82 -4.70 28.19 57.15
C TYR B 82 -6.21 28.18 56.87
N PHE B 83 -6.87 27.07 57.18
CA PHE B 83 -8.27 26.90 56.84
C PHE B 83 -9.23 26.88 58.02
N GLN B 84 -8.90 27.65 59.06
CA GLN B 84 -9.75 27.74 60.24
C GLN B 84 -10.69 28.95 60.22
N ASN B 85 -10.39 29.94 59.39
CA ASN B 85 -11.27 31.09 59.27
C ASN B 85 -11.96 31.14 57.91
N VAL B 86 -12.36 29.97 57.41
CA VAL B 86 -13.06 29.91 56.13
C VAL B 86 -14.57 29.93 56.33
N SER B 87 -15.23 30.87 55.65
CA SER B 87 -16.69 30.98 55.73
C SER B 87 -17.35 29.89 54.89
N GLU B 88 -18.63 29.62 55.15
CA GLU B 88 -19.36 28.62 54.39
C GLU B 88 -19.52 29.11 52.95
N GLU B 89 -19.61 30.43 52.79
CA GLU B 89 -19.75 31.07 51.50
C GLU B 89 -18.54 30.80 50.61
N GLU B 90 -17.35 30.95 51.19
CA GLU B 90 -16.10 30.76 50.46
C GLU B 90 -15.93 29.31 50.02
N VAL B 91 -16.31 28.38 50.89
CA VAL B 91 -16.25 26.95 50.58
C VAL B 91 -17.20 26.63 49.44
N LEU B 92 -18.41 27.18 49.54
CA LEU B 92 -19.43 26.98 48.51
C LEU B 92 -18.94 27.51 47.16
N ARG B 93 -18.31 28.69 47.19
CA ARG B 93 -17.77 29.31 45.98
C ARG B 93 -16.70 28.41 45.35
N LEU B 94 -15.83 27.90 46.22
CA LEU B 94 -14.74 27.02 45.80
C LEU B 94 -15.26 25.78 45.09
N THR B 95 -16.15 25.05 45.76
CA THR B 95 -16.67 23.81 45.23
C THR B 95 -17.47 24.04 43.94
N SER B 96 -18.25 25.11 43.91
CA SER B 96 -19.04 25.42 42.72
C SER B 96 -18.15 25.72 41.52
N LEU B 97 -17.08 26.48 41.76
CA LEU B 97 -16.12 26.81 40.72
C LEU B 97 -15.46 25.54 40.18
N ILE B 98 -15.02 24.67 41.08
CA ILE B 98 -14.41 23.40 40.68
C ILE B 98 -15.36 22.57 39.81
N LYS B 99 -16.56 22.35 40.31
CA LYS B 99 -17.57 21.58 39.60
C LYS B 99 -17.80 22.15 38.20
N GLU B 100 -17.83 23.48 38.12
CA GLU B 100 -18.11 24.16 36.88
C GLU B 100 -17.00 24.00 35.83
N GLN B 101 -15.76 24.21 36.26
CA GLN B 101 -14.63 24.07 35.34
C GLN B 101 -14.49 22.64 34.86
N PHE B 102 -14.64 21.70 35.79
CA PHE B 102 -14.57 20.28 35.44
C PHE B 102 -15.63 19.94 34.41
N SER B 103 -16.86 20.38 34.68
CA SER B 103 -17.97 20.16 33.77
C SER B 103 -17.70 20.71 32.36
N THR B 104 -17.21 21.95 32.29
CA THR B 104 -16.90 22.56 31.00
C THR B 104 -15.86 21.78 30.22
N TRP B 105 -14.76 21.42 30.91
CA TRP B 105 -13.71 20.62 30.30
C TRP B 105 -14.26 19.32 29.72
N GLN B 106 -15.02 18.60 30.53
CA GLN B 106 -15.58 17.32 30.11
C GLN B 106 -16.50 17.48 28.90
N ASN B 107 -17.29 18.54 28.89
CA ASN B 107 -18.21 18.79 27.78
C ASN B 107 -17.47 19.10 26.49
N GLN B 108 -16.39 19.87 26.58
CA GLN B 108 -15.57 20.17 25.41
C GLN B 108 -14.96 18.89 24.84
N LYS B 109 -14.37 18.08 25.72
CA LYS B 109 -13.85 16.78 25.32
C LYS B 109 -14.91 15.97 24.58
N TYR B 110 -16.10 15.86 25.16
CA TYR B 110 -17.15 15.07 24.54
C TYR B 110 -17.55 15.61 23.18
N GLN B 111 -17.57 16.94 23.03
CA GLN B 111 -17.88 17.54 21.73
C GLN B 111 -16.86 17.15 20.67
N LYS B 112 -15.58 17.29 21.01
CA LYS B 112 -14.53 16.96 20.06
C LYS B 112 -14.58 15.47 19.67
N GLU B 113 -14.86 14.64 20.67
CA GLU B 113 -14.98 13.20 20.45
C GLU B 113 -16.17 12.90 19.55
N LEU B 114 -17.23 13.69 19.69
CA LEU B 114 -18.41 13.58 18.86
C LEU B 114 -18.08 13.85 17.41
N ASN B 115 -17.36 14.95 17.17
CA ASN B 115 -16.91 15.27 15.82
C ASN B 115 -16.07 14.13 15.22
N LEU B 116 -15.10 13.66 16.01
CA LEU B 116 -14.24 12.55 15.59
C LEU B 116 -15.06 11.33 15.16
N ASP B 117 -16.03 10.96 15.99
CA ASP B 117 -16.86 9.78 15.72
C ASP B 117 -17.70 9.96 14.46
N LYS B 118 -18.21 11.18 14.26
CA LYS B 118 -18.99 11.47 13.07
C LYS B 118 -18.14 11.27 11.82
N LYS B 119 -16.92 11.77 11.88
CA LYS B 119 -15.97 11.58 10.78
C LYS B 119 -15.67 10.10 10.55
N ARG B 120 -15.55 9.33 11.62
CA ARG B 120 -15.31 7.89 11.51
C ARG B 120 -16.44 7.19 10.76
N ALA B 121 -17.68 7.48 11.15
CA ALA B 121 -18.85 6.91 10.50
C ALA B 121 -18.87 7.26 9.02
N GLU B 122 -18.58 8.53 8.74
CA GLU B 122 -18.53 9.01 7.36
C GLU B 122 -17.49 8.22 6.56
N ARG B 123 -16.36 7.94 7.21
CA ARG B 123 -15.31 7.12 6.60
C ARG B 123 -15.83 5.73 6.25
N LEU B 124 -16.59 5.12 7.17
CA LEU B 124 -17.15 3.80 6.91
C LEU B 124 -18.08 3.81 5.69
N THR B 125 -18.95 4.81 5.63
CA THR B 125 -19.85 4.95 4.48
C THR B 125 -19.05 5.05 3.18
N ILE B 126 -18.01 5.88 3.20
CA ILE B 126 -17.16 6.07 2.04
C ILE B 126 -16.52 4.76 1.61
N LEU B 127 -16.06 3.96 2.57
CA LEU B 127 -15.46 2.66 2.28
C LEU B 127 -16.46 1.73 1.60
N ALA B 128 -17.69 1.71 2.10
CA ALA B 128 -18.74 0.91 1.49
C ALA B 128 -18.93 1.30 0.03
N ARG B 129 -19.03 2.61 -0.21
CA ARG B 129 -19.20 3.11 -1.57
C ARG B 129 -18.04 2.71 -2.48
N ILE B 130 -16.83 2.81 -1.95
CA ILE B 130 -15.63 2.44 -2.69
C ILE B 130 -15.59 0.98 -3.11
N ASN B 131 -15.89 0.09 -2.17
CA ASN B 131 -15.92 -1.33 -2.45
C ASN B 131 -16.96 -1.64 -3.53
N ARG B 132 -18.16 -1.09 -3.30
CA ARG B 132 -19.31 -1.26 -4.20
C ARG B 132 -18.99 -0.86 -5.64
N TYR B 133 -18.46 0.35 -5.80
CA TYR B 133 -18.22 0.88 -7.13
C TYR B 133 -16.94 0.36 -7.76
N GLU B 134 -16.04 -0.20 -6.96
CA GLU B 134 -14.85 -0.81 -7.56
C GLU B 134 -15.21 -2.16 -8.18
N ASN B 135 -15.98 -2.96 -7.45
CA ASN B 135 -16.43 -4.22 -8.04
C ASN B 135 -17.34 -3.98 -9.24
N LEU B 136 -18.25 -3.02 -9.10
CA LEU B 136 -19.11 -2.66 -10.23
C LEU B 136 -18.25 -2.21 -11.44
N SER B 137 -17.23 -1.40 -11.17
CA SER B 137 -16.33 -0.93 -12.23
C SER B 137 -15.68 -2.07 -12.99
N ARG B 138 -15.11 -3.04 -12.28
CA ARG B 138 -14.40 -4.11 -13.00
C ARG B 138 -15.36 -5.02 -13.79
N VAL B 139 -16.50 -5.31 -13.17
CA VAL B 139 -17.53 -6.12 -13.82
C VAL B 139 -17.92 -5.48 -15.15
N GLU B 140 -18.26 -4.19 -15.08
CA GLU B 140 -18.62 -3.47 -16.29
C GLU B 140 -17.45 -3.43 -17.27
N LYS B 141 -16.22 -3.43 -16.75
CA LYS B 141 -15.06 -3.39 -17.64
C LYS B 141 -14.86 -4.61 -18.54
N SER B 142 -14.92 -5.81 -17.96
CA SER B 142 -14.75 -7.02 -18.78
C SER B 142 -16.07 -7.32 -19.54
N ARG B 143 -17.22 -6.84 -19.07
CA ARG B 143 -18.41 -6.99 -19.93
C ARG B 143 -18.17 -6.17 -21.18
N LEU B 144 -17.59 -4.99 -20.97
CA LEU B 144 -17.20 -4.13 -22.08
C LEU B 144 -16.17 -4.81 -23.00
N ASP B 145 -15.23 -5.54 -22.41
CA ASP B 145 -14.22 -6.24 -23.20
C ASP B 145 -14.85 -7.33 -24.07
N ASP B 146 -15.74 -8.10 -23.46
CA ASP B 146 -16.45 -9.17 -24.13
C ASP B 146 -17.24 -8.60 -25.30
N PHE B 147 -17.91 -7.48 -25.01
CA PHE B 147 -18.69 -6.78 -26.03
C PHE B 147 -17.78 -6.34 -27.17
N ARG B 148 -16.59 -5.86 -26.81
CA ARG B 148 -15.69 -5.27 -27.80
C ARG B 148 -14.95 -6.30 -28.65
N SER B 149 -14.93 -7.56 -28.23
CA SER B 149 -14.42 -8.60 -29.14
C SER B 149 -15.56 -9.39 -29.78
N LEU B 150 -16.80 -9.11 -29.37
CA LEU B 150 -17.96 -9.52 -30.17
C LEU B 150 -18.15 -8.51 -31.27
N LEU B 151 -17.61 -7.31 -31.06
CA LEU B 151 -17.60 -6.29 -32.10
C LEU B 151 -16.67 -6.65 -33.26
N HIS B 152 -15.45 -7.10 -32.95
CA HIS B 152 -14.46 -7.39 -33.98
C HIS B 152 -14.66 -8.78 -34.59
N LYS B 153 -15.61 -9.52 -34.02
CA LYS B 153 -16.04 -10.79 -34.59
C LYS B 153 -17.47 -10.61 -35.04
N GLN B 154 -17.80 -9.33 -35.27
CA GLN B 154 -19.09 -8.85 -35.81
C GLN B 154 -20.34 -9.54 -35.25
N ALA B 155 -20.41 -9.62 -33.93
CA ALA B 155 -21.56 -10.25 -33.27
C ALA B 155 -22.39 -9.23 -32.50
N ILE B 156 -21.97 -7.96 -32.50
CA ILE B 156 -22.69 -6.93 -31.76
C ILE B 156 -22.60 -5.57 -32.45
N ALA B 157 -23.61 -4.73 -32.21
CA ALA B 157 -23.63 -3.38 -32.77
C ALA B 157 -22.63 -2.47 -32.06
N LYS B 158 -22.03 -1.55 -32.81
CA LYS B 158 -21.07 -0.59 -32.29
C LYS B 158 -21.64 0.28 -31.18
N HIS B 159 -22.92 0.62 -31.33
CA HIS B 159 -23.62 1.49 -30.39
C HIS B 159 -23.68 0.88 -29.00
N ALA B 160 -23.95 -0.43 -28.95
CA ALA B 160 -24.01 -1.17 -27.69
C ALA B 160 -22.66 -1.14 -26.98
N VAL B 161 -21.59 -1.28 -27.76
CA VAL B 161 -20.24 -1.22 -27.23
C VAL B 161 -19.95 0.15 -26.62
N LEU B 162 -20.32 1.20 -27.36
CA LEU B 162 -20.13 2.56 -26.87
C LEU B 162 -20.90 2.82 -25.58
N GLU B 163 -22.11 2.25 -25.48
CA GLU B 163 -22.97 2.51 -24.32
C GLU B 163 -22.52 1.73 -23.09
N GLN B 164 -22.04 0.50 -23.30
CA GLN B 164 -21.48 -0.30 -22.22
C GLN B 164 -20.21 0.37 -21.70
N GLU B 165 -19.46 0.92 -22.64
CA GLU B 165 -18.25 1.67 -22.32
C GLU B 165 -18.62 2.89 -21.48
N ASN B 166 -19.76 3.50 -21.82
CA ASN B 166 -20.27 4.61 -21.04
C ASN B 166 -20.55 4.19 -19.60
N LYS B 167 -21.23 3.05 -19.44
CA LYS B 167 -21.49 2.52 -18.10
C LYS B 167 -20.20 2.35 -17.30
N TYR B 168 -19.21 1.72 -17.92
CA TYR B 168 -17.92 1.53 -17.25
C TYR B 168 -17.29 2.85 -16.84
N VAL B 169 -17.29 3.82 -17.75
CA VAL B 169 -16.68 5.12 -17.47
C VAL B 169 -17.35 5.79 -16.27
N GLU B 170 -18.68 5.74 -16.25
CA GLU B 170 -19.45 6.28 -15.13
C GLU B 170 -19.06 5.64 -13.81
N ALA B 171 -19.02 4.30 -13.80
CA ALA B 171 -18.64 3.55 -12.60
C ALA B 171 -17.24 3.94 -12.10
N ALA B 172 -16.29 4.01 -13.04
CA ALA B 172 -14.91 4.34 -12.71
C ALA B 172 -14.79 5.75 -12.12
N ASN B 173 -15.53 6.68 -12.71
CA ASN B 173 -15.53 8.05 -12.20
C ASN B 173 -16.07 8.12 -10.78
N GLU B 174 -17.15 7.40 -10.52
CA GLU B 174 -17.72 7.36 -9.18
C GLU B 174 -16.70 6.80 -8.18
N LEU B 175 -16.04 5.71 -8.57
CA LEU B 175 -15.00 5.10 -7.76
C LEU B 175 -13.90 6.11 -7.42
N ARG B 176 -13.44 6.83 -8.44
CA ARG B 176 -12.40 7.84 -8.25
C ARG B 176 -12.81 8.91 -7.25
N VAL B 177 -14.02 9.43 -7.43
CA VAL B 177 -14.57 10.42 -6.51
C VAL B 177 -14.55 9.93 -5.07
N TYR B 178 -15.07 8.73 -4.85
CA TYR B 178 -15.13 8.20 -3.48
C TYR B 178 -13.76 7.88 -2.88
N LYS B 179 -12.80 7.52 -3.72
CA LYS B 179 -11.44 7.30 -3.23
C LYS B 179 -10.80 8.61 -2.76
N SER B 180 -10.95 9.66 -3.57
CA SER B 180 -10.46 10.97 -3.18
C SER B 180 -11.10 11.42 -1.87
N GLN B 181 -12.41 11.18 -1.76
CA GLN B 181 -13.13 11.46 -0.53
C GLN B 181 -12.56 10.68 0.66
N LEU B 182 -12.13 9.44 0.41
CA LEU B 182 -11.49 8.64 1.45
C LEU B 182 -10.20 9.28 1.95
N GLU B 183 -9.39 9.75 1.00
CA GLU B 183 -8.15 10.43 1.36
C GLU B 183 -8.46 11.64 2.27
N GLN B 184 -9.43 12.43 1.82
CA GLN B 184 -9.83 13.64 2.54
C GLN B 184 -10.34 13.33 3.95
N ILE B 185 -11.21 12.33 4.07
CA ILE B 185 -11.80 11.98 5.35
C ILE B 185 -10.73 11.44 6.30
N GLU B 186 -9.71 10.78 5.77
CA GLU B 186 -8.63 10.31 6.64
C GLU B 186 -7.85 11.50 7.20
N SER B 187 -7.54 12.47 6.34
CA SER B 187 -6.87 13.68 6.81
C SER B 187 -7.68 14.40 7.90
N GLU B 188 -8.97 14.56 7.65
CA GLU B 188 -9.86 15.24 8.57
C GLU B 188 -9.99 14.48 9.90
N ILE B 189 -9.93 13.15 9.83
CA ILE B 189 -9.97 12.34 11.03
C ILE B 189 -8.72 12.62 11.88
N LEU B 190 -7.56 12.66 11.23
CA LEU B 190 -6.34 13.00 11.98
C LEU B 190 -6.47 14.35 12.67
N SER B 191 -6.92 15.36 11.92
CA SER B 191 -7.07 16.71 12.48
C SER B 191 -8.04 16.71 13.67
N ALA B 192 -9.12 15.93 13.56
CA ALA B 192 -10.11 15.85 14.63
C ALA B 192 -9.52 15.24 15.88
N LYS B 193 -8.69 14.21 15.71
CA LYS B 193 -8.03 13.60 16.85
C LYS B 193 -7.12 14.58 17.56
N GLU B 194 -6.38 15.37 16.79
CA GLU B 194 -5.43 16.28 17.41
C GLU B 194 -6.17 17.44 18.10
N GLU B 195 -7.37 17.75 17.61
CA GLU B 195 -8.25 18.70 18.28
C GLU B 195 -8.69 18.16 19.65
N TYR B 196 -9.19 16.91 19.63
CA TYR B 196 -9.63 16.24 20.84
C TYR B 196 -8.54 16.24 21.90
N GLN B 197 -7.32 15.92 21.47
CA GLN B 197 -6.18 15.90 22.37
C GLN B 197 -5.81 17.31 22.85
N LEU B 198 -6.00 18.28 21.95
CA LEU B 198 -5.67 19.66 22.24
C LEU B 198 -6.48 20.20 23.41
N VAL B 199 -7.74 19.78 23.51
CA VAL B 199 -8.57 20.21 24.64
C VAL B 199 -7.93 19.96 26.01
N THR B 200 -7.64 18.68 26.28
CA THR B 200 -7.07 18.30 27.57
C THR B 200 -5.66 18.83 27.73
N ARG B 201 -4.91 18.88 26.63
CA ARG B 201 -3.56 19.45 26.70
C ARG B 201 -3.58 20.89 27.22
N LEU B 202 -4.43 21.72 26.62
CA LEU B 202 -4.53 23.11 27.02
C LEU B 202 -5.08 23.25 28.43
N PHE B 203 -6.07 22.42 28.78
CA PHE B 203 -6.64 22.47 30.12
C PHE B 203 -5.56 22.21 31.18
N LYS B 204 -4.81 21.13 30.97
CA LYS B 204 -3.70 20.77 31.86
C LYS B 204 -2.68 21.90 31.97
N ASN B 205 -2.31 22.46 30.83
CA ASN B 205 -1.35 23.56 30.81
C ASN B 205 -1.81 24.76 31.64
N GLU B 206 -3.03 25.22 31.40
CA GLU B 206 -3.55 26.38 32.14
C GLU B 206 -3.70 26.12 33.62
N ILE B 207 -4.09 24.90 33.99
CA ILE B 207 -4.17 24.56 35.40
C ILE B 207 -2.79 24.61 36.07
N LEU B 208 -1.79 24.01 35.44
CA LEU B 208 -0.43 24.05 35.97
C LEU B 208 0.05 25.49 36.13
N ASP B 209 -0.19 26.30 35.10
CA ASP B 209 0.20 27.70 35.10
C ASP B 209 -0.44 28.47 36.25
N LYS B 210 -1.75 28.32 36.39
CA LYS B 210 -2.49 29.01 37.43
C LYS B 210 -2.03 28.59 38.83
N LEU B 211 -1.72 27.31 38.99
CA LEU B 211 -1.22 26.81 40.27
C LEU B 211 0.11 27.46 40.62
N ARG B 212 1.00 27.52 39.64
CA ARG B 212 2.28 28.19 39.79
C ARG B 212 2.08 29.65 40.20
N GLN B 213 1.21 30.34 39.47
CA GLN B 213 0.89 31.74 39.72
C GLN B 213 0.40 31.94 41.17
N THR B 214 -0.49 31.06 41.63
CA THR B 214 -1.02 31.15 42.99
C THR B 214 0.08 30.96 44.01
N THR B 215 1.02 30.06 43.70
CA THR B 215 2.16 29.84 44.60
C THR B 215 2.98 31.13 44.72
N ASP B 216 3.25 31.76 43.59
CA ASP B 216 3.98 33.04 43.55
C ASP B 216 3.24 34.13 44.36
N ASN B 217 1.93 34.17 44.18
CA ASN B 217 1.08 35.13 44.87
C ASN B 217 1.21 34.93 46.38
N ILE B 218 1.26 33.66 46.78
CA ILE B 218 1.47 33.29 48.18
C ILE B 218 2.86 33.73 48.67
N GLU B 219 3.86 33.64 47.79
CA GLU B 219 5.22 34.10 48.10
C GLU B 219 5.20 35.56 48.54
N LEU B 220 4.72 36.40 47.64
CA LEU B 220 4.71 37.84 47.89
C LEU B 220 3.81 38.22 49.06
N LEU B 221 2.61 37.62 49.14
CA LEU B 221 1.71 37.93 50.24
C LEU B 221 2.28 37.51 51.58
N THR B 222 3.07 36.44 51.58
CA THR B 222 3.73 35.98 52.79
C THR B 222 4.76 37.01 53.24
N LEU B 223 5.53 37.53 52.29
CA LEU B 223 6.49 38.58 52.62
C LEU B 223 5.79 39.80 53.22
N GLU B 224 4.72 40.24 52.57
CA GLU B 224 3.96 41.39 53.04
C GLU B 224 3.39 41.15 54.44
N LEU B 225 2.95 39.92 54.70
CA LEU B 225 2.43 39.57 56.02
C LEU B 225 3.53 39.67 57.07
N GLU B 226 4.73 39.24 56.70
CA GLU B 226 5.87 39.37 57.60
C GLU B 226 6.11 40.82 57.97
N LYS B 227 6.11 41.70 56.97
CA LYS B 227 6.26 43.13 57.24
C LYS B 227 5.16 43.67 58.16
N ASN B 228 3.92 43.31 57.87
CA ASN B 228 2.78 43.75 58.67
C ASN B 228 2.88 43.32 60.12
N GLU B 229 3.28 42.08 60.33
CA GLU B 229 3.42 41.54 61.68
C GLU B 229 4.57 42.20 62.42
N GLU B 230 5.61 42.57 61.70
CA GLU B 230 6.74 43.25 62.32
C GLU B 230 6.33 44.65 62.78
N ARG B 231 5.58 45.35 61.92
CA ARG B 231 5.13 46.70 62.26
C ARG B 231 4.06 46.72 63.35
N GLN B 232 3.26 45.66 63.39
CA GLN B 232 2.10 45.58 64.29
C GLN B 232 2.48 45.30 65.74
N GLN B 233 3.68 44.75 65.93
CA GLN B 233 4.11 44.31 67.25
C GLN B 233 4.20 45.46 68.24
N ALA B 234 3.70 45.23 69.46
CA ALA B 234 3.54 46.29 70.44
C ALA B 234 4.85 46.96 70.84
N SER B 235 4.87 48.28 70.86
CA SER B 235 6.01 49.02 71.38
C SER B 235 5.88 49.16 72.90
N VAL B 236 6.99 49.00 73.61
CA VAL B 236 6.98 49.14 75.06
C VAL B 236 7.73 50.39 75.51
N ILE B 237 7.10 51.16 76.38
CA ILE B 237 7.76 52.31 76.99
C ILE B 237 8.16 51.97 78.41
N ARG B 238 9.46 52.00 78.69
CA ARG B 238 9.97 51.66 80.01
C ARG B 238 10.42 52.91 80.76
N ALA B 239 10.30 52.87 82.08
CA ALA B 239 10.75 53.97 82.93
C ALA B 239 12.24 54.18 82.73
N PRO B 240 12.63 55.40 82.29
CA PRO B 240 14.04 55.70 82.08
C PRO B 240 14.77 55.97 83.38
N VAL B 241 14.01 56.32 84.41
CA VAL B 241 14.54 56.53 85.75
C VAL B 241 13.58 55.94 86.78
N SER B 242 14.07 55.70 87.99
CA SER B 242 13.21 55.20 89.05
C SER B 242 12.50 56.35 89.73
N GLY B 243 11.33 56.08 90.30
CA GLY B 243 10.61 57.10 91.04
C GLY B 243 9.10 57.02 90.97
N LYS B 244 8.47 58.18 91.13
CA LYS B 244 7.02 58.27 91.24
C LYS B 244 6.40 58.73 89.92
N VAL B 245 5.26 58.15 89.56
CA VAL B 245 4.54 58.55 88.36
C VAL B 245 3.56 59.68 88.68
N GLN B 246 3.78 60.84 88.07
CA GLN B 246 2.90 61.99 88.28
C GLN B 246 2.40 62.58 86.97
N GLN B 247 1.29 63.30 87.08
CA GLN B 247 0.65 63.95 85.94
C GLN B 247 0.35 62.96 84.81
N LEU B 248 -0.29 61.85 85.15
CA LEU B 248 -0.66 60.86 84.15
C LEU B 248 -1.86 61.38 83.37
N LYS B 249 -1.68 61.56 82.08
CA LYS B 249 -2.71 62.16 81.24
C LYS B 249 -3.44 61.15 80.36
N VAL B 250 -2.99 59.89 80.39
CA VAL B 250 -3.60 58.85 79.58
C VAL B 250 -4.34 57.82 80.42
N HIS B 251 -5.65 57.71 80.22
CA HIS B 251 -6.44 56.75 80.99
C HIS B 251 -7.31 55.87 80.11
N THR B 252 -7.47 56.26 78.85
CA THR B 252 -8.31 55.49 77.93
C THR B 252 -7.50 54.49 77.08
N GLU B 253 -7.85 53.22 77.21
CA GLU B 253 -7.29 52.17 76.37
C GLU B 253 -7.90 52.28 74.97
N GLY B 254 -7.07 52.20 73.94
CA GLY B 254 -7.57 52.30 72.58
C GLY B 254 -7.57 53.71 72.01
N GLY B 255 -7.16 54.69 72.81
CA GLY B 255 -7.14 56.07 72.35
C GLY B 255 -5.81 56.43 71.73
N VAL B 256 -5.81 57.53 70.98
CA VAL B 256 -4.61 57.97 70.26
C VAL B 256 -3.70 58.88 71.09
N VAL B 257 -2.39 58.61 71.03
CA VAL B 257 -1.38 59.49 71.63
C VAL B 257 -0.42 59.97 70.55
N THR B 258 0.09 61.19 70.70
CA THR B 258 0.95 61.78 69.68
C THR B 258 2.35 62.02 70.26
N THR B 259 3.36 62.09 69.39
CA THR B 259 4.75 62.28 69.79
C THR B 259 5.00 63.60 70.54
N ALA B 260 4.09 64.54 70.41
CA ALA B 260 4.23 65.83 71.08
C ALA B 260 3.60 65.82 72.46
N GLU B 261 2.97 64.70 72.80
CA GLU B 261 2.25 64.58 74.06
C GLU B 261 3.11 64.00 75.17
N THR B 262 3.05 64.62 76.35
CA THR B 262 3.70 64.05 77.53
C THR B 262 2.67 63.20 78.27
N LEU B 263 2.85 61.89 78.16
CA LEU B 263 1.88 60.94 78.70
C LEU B 263 1.91 60.92 80.23
N MET B 264 3.11 61.09 80.78
CA MET B 264 3.31 61.15 82.21
C MET B 264 4.72 61.65 82.51
N VAL B 265 4.98 61.95 83.78
CA VAL B 265 6.33 62.33 84.18
C VAL B 265 6.76 61.47 85.37
N ILE B 266 8.04 61.09 85.39
CA ILE B 266 8.59 60.29 86.49
C ILE B 266 9.54 61.13 87.31
N VAL B 267 9.24 61.26 88.60
CA VAL B 267 10.03 62.11 89.48
C VAL B 267 10.84 61.29 90.49
N PRO B 268 12.15 61.57 90.59
CA PRO B 268 12.99 60.91 91.58
C PRO B 268 13.04 61.67 92.90
N SER C 3 -37.26 -47.12 -13.71
CA SER C 3 -38.66 -47.49 -13.81
C SER C 3 -39.49 -46.75 -12.76
N LYS C 4 -38.84 -46.31 -11.68
CA LYS C 4 -39.50 -45.50 -10.66
C LYS C 4 -38.82 -44.15 -10.48
N GLU C 5 -39.66 -43.12 -10.44
CA GLU C 5 -39.24 -41.73 -10.36
C GLU C 5 -39.04 -41.23 -8.95
N ILE C 6 -38.12 -40.28 -8.79
CA ILE C 6 -37.82 -39.67 -7.51
C ILE C 6 -38.24 -38.21 -7.53
N LYS C 7 -39.28 -37.89 -6.74
CA LYS C 7 -39.86 -36.57 -6.66
C LYS C 7 -39.85 -36.03 -5.24
N PRO C 8 -39.68 -34.71 -5.07
CA PRO C 8 -39.75 -34.11 -3.74
C PRO C 8 -41.18 -34.15 -3.19
N ILE C 9 -41.31 -34.45 -1.90
CA ILE C 9 -42.62 -34.49 -1.26
C ILE C 9 -43.17 -33.09 -1.02
N GLU C 10 -42.30 -32.10 -1.18
CA GLU C 10 -42.63 -30.71 -0.86
C GLU C 10 -41.66 -29.79 -1.59
N ASN C 11 -42.15 -28.61 -1.99
CA ASN C 11 -41.29 -27.61 -2.61
C ASN C 11 -40.09 -27.27 -1.75
N SER C 12 -38.90 -27.53 -2.26
CA SER C 12 -37.68 -27.37 -1.49
C SER C 12 -36.52 -26.90 -2.35
N ILE C 13 -35.35 -26.77 -1.74
CA ILE C 13 -34.14 -26.41 -2.46
C ILE C 13 -33.13 -27.56 -2.40
N VAL C 14 -32.58 -27.94 -3.56
CA VAL C 14 -31.59 -29.00 -3.61
C VAL C 14 -30.26 -28.53 -3.01
N LYS C 15 -29.95 -29.02 -1.81
CA LYS C 15 -28.71 -28.63 -1.15
C LYS C 15 -27.52 -29.37 -1.74
N GLU C 16 -27.67 -30.67 -1.97
CA GLU C 16 -26.56 -31.44 -2.52
C GLU C 16 -27.01 -32.71 -3.23
N ILE C 17 -26.47 -32.94 -4.41
CA ILE C 17 -26.67 -34.21 -5.11
C ILE C 17 -25.45 -35.11 -4.93
N ILE C 18 -25.70 -36.26 -4.33
CA ILE C 18 -24.66 -37.22 -3.99
C ILE C 18 -24.57 -38.25 -5.11
N VAL C 19 -25.70 -38.45 -5.78
CA VAL C 19 -25.79 -39.48 -6.82
C VAL C 19 -25.15 -38.98 -8.11
N LYS C 20 -24.51 -39.89 -8.84
CA LYS C 20 -23.94 -39.54 -10.14
C LYS C 20 -24.74 -40.22 -11.24
N LEU C 32 -30.11 -37.98 -1.74
CA LEU C 32 -30.13 -36.57 -2.13
C LEU C 32 -30.40 -35.69 -0.91
N LYS C 33 -29.77 -34.52 -0.84
CA LYS C 33 -30.05 -33.61 0.27
C LYS C 33 -30.77 -32.32 -0.15
N LEU C 34 -31.85 -32.02 0.55
CA LEU C 34 -32.71 -30.87 0.28
C LEU C 34 -32.78 -29.95 1.49
N THR C 35 -32.93 -28.65 1.26
CA THR C 35 -33.17 -27.71 2.35
C THR C 35 -34.57 -27.12 2.22
N ALA C 36 -35.32 -27.12 3.32
CA ALA C 36 -36.71 -26.65 3.30
C ALA C 36 -36.80 -25.18 2.91
N LEU C 37 -37.84 -24.85 2.16
CA LEU C 37 -38.04 -23.50 1.66
C LEU C 37 -38.26 -22.50 2.80
N GLY C 38 -37.49 -21.41 2.78
CA GLY C 38 -37.65 -20.33 3.73
C GLY C 38 -37.00 -20.55 5.09
N ALA C 39 -36.33 -21.68 5.26
CA ALA C 39 -35.68 -22.00 6.53
C ALA C 39 -34.50 -21.06 6.78
N GLU C 40 -33.71 -20.81 5.75
CA GLU C 40 -32.51 -20.01 5.88
C GLU C 40 -32.84 -18.56 6.23
N ALA C 41 -33.95 -18.04 5.71
CA ALA C 41 -34.35 -16.68 6.03
C ALA C 41 -34.68 -16.58 7.51
N ASP C 42 -35.40 -17.59 8.01
CA ASP C 42 -35.73 -17.65 9.43
C ASP C 42 -34.49 -17.70 10.32
N THR C 43 -33.58 -18.62 10.03
CA THR C 43 -32.36 -18.73 10.85
C THR C 43 -31.53 -17.44 10.78
N LEU C 44 -31.48 -16.81 9.61
CA LEU C 44 -30.78 -15.55 9.42
C LEU C 44 -31.38 -14.46 10.31
N LYS C 45 -32.70 -14.39 10.30
CA LYS C 45 -33.44 -13.42 11.11
C LYS C 45 -33.13 -13.60 12.59
N THR C 46 -33.24 -14.84 13.06
CA THR C 46 -32.99 -15.15 14.46
C THR C 46 -31.55 -14.84 14.86
N GLN C 47 -30.60 -15.16 13.99
CA GLN C 47 -29.19 -14.88 14.25
C GLN C 47 -28.95 -13.38 14.37
N SER C 48 -29.59 -12.61 13.48
CA SER C 48 -29.47 -11.16 13.50
C SER C 48 -29.99 -10.58 14.81
N SER C 49 -31.19 -11.01 15.21
CA SER C 49 -31.78 -10.55 16.46
C SER C 49 -30.89 -10.91 17.65
N LEU C 50 -30.35 -12.12 17.63
CA LEU C 50 -29.47 -12.59 18.69
C LEU C 50 -28.23 -11.73 18.83
N LEU C 51 -27.56 -11.46 17.72
CA LEU C 51 -26.37 -10.62 17.72
C LEU C 51 -26.67 -9.22 18.24
N GLN C 52 -27.76 -8.64 17.74
CA GLN C 52 -28.16 -7.30 18.18
C GLN C 52 -28.39 -7.26 19.68
N THR C 53 -29.16 -8.22 20.18
CA THR C 53 -29.50 -8.27 21.60
C THR C 53 -28.27 -8.44 22.47
N ARG C 54 -27.31 -9.22 21.98
CA ARG C 54 -26.06 -9.44 22.72
C ARG C 54 -25.26 -8.14 22.79
N LEU C 55 -25.23 -7.41 21.68
CA LEU C 55 -24.57 -6.11 21.63
C LEU C 55 -25.19 -5.13 22.63
N GLU C 56 -26.52 -5.09 22.68
CA GLU C 56 -27.21 -4.19 23.61
C GLU C 56 -26.92 -4.56 25.07
N GLN C 57 -26.92 -5.86 25.36
CA GLN C 57 -26.55 -6.35 26.68
C GLN C 57 -25.17 -5.84 27.07
N THR C 58 -24.22 -5.96 26.14
CA THR C 58 -22.87 -5.45 26.37
C THR C 58 -22.90 -3.96 26.69
N ARG C 59 -23.68 -3.21 25.91
CA ARG C 59 -23.81 -1.77 26.13
C ARG C 59 -24.19 -1.46 27.57
N TYR C 60 -25.26 -2.09 28.04
CA TYR C 60 -25.77 -1.76 29.37
C TYR C 60 -24.94 -2.32 30.52
N GLN C 61 -24.21 -3.41 30.27
CA GLN C 61 -23.26 -3.89 31.27
C GLN C 61 -22.15 -2.85 31.45
N ILE C 62 -21.62 -2.37 30.32
CA ILE C 62 -20.58 -1.34 30.36
C ILE C 62 -21.09 -0.09 31.06
N LEU C 63 -22.32 0.32 30.74
CA LEU C 63 -22.91 1.49 31.38
C LEU C 63 -23.09 1.30 32.90
N SER C 64 -23.47 0.10 33.32
CA SER C 64 -23.59 -0.21 34.74
C SER C 64 -22.25 -0.03 35.46
N ARG C 65 -21.20 -0.58 34.83
CA ARG C 65 -19.85 -0.43 35.36
C ARG C 65 -19.50 1.05 35.45
N SER C 66 -19.93 1.82 34.45
CA SER C 66 -19.67 3.25 34.44
C SER C 66 -20.41 3.94 35.59
N ILE C 67 -21.56 3.41 35.96
CA ILE C 67 -22.27 3.94 37.12
C ILE C 67 -21.49 3.70 38.40
N GLU C 68 -21.00 2.48 38.63
CA GLU C 68 -20.27 2.26 39.87
C GLU C 68 -18.94 3.02 39.90
N LEU C 69 -18.35 3.26 38.73
CA LEU C 69 -17.06 3.93 38.67
C LEU C 69 -17.18 5.44 38.57
N ASN C 70 -18.37 5.92 38.19
CA ASN C 70 -18.60 7.32 37.87
C ASN C 70 -17.67 7.80 36.75
N LYS C 71 -17.25 6.86 35.91
CA LYS C 71 -16.46 7.15 34.73
C LYS C 71 -16.53 5.96 33.77
N LEU C 72 -16.34 6.23 32.49
CA LEU C 72 -16.40 5.17 31.49
C LEU C 72 -15.20 4.23 31.57
N PRO C 73 -15.47 2.92 31.55
CA PRO C 73 -14.44 1.87 31.44
C PRO C 73 -13.89 1.83 30.02
N GLU C 74 -12.97 0.91 29.75
CA GLU C 74 -12.43 0.78 28.41
C GLU C 74 -13.54 0.31 27.48
N LEU C 75 -13.80 1.08 26.43
CA LEU C 75 -14.90 0.80 25.52
C LEU C 75 -14.54 -0.25 24.48
N LYS C 76 -14.51 -1.51 24.91
CA LYS C 76 -14.21 -2.64 24.04
C LYS C 76 -15.25 -3.74 24.23
N LEU C 77 -15.51 -4.49 23.17
CA LEU C 77 -16.37 -5.65 23.26
C LEU C 77 -15.70 -6.74 24.09
N PRO C 78 -16.48 -7.40 24.95
CA PRO C 78 -15.97 -8.56 25.70
C PRO C 78 -15.59 -9.68 24.74
N ASP C 79 -14.62 -10.49 25.13
CA ASP C 79 -14.09 -11.51 24.25
C ASP C 79 -14.87 -12.81 24.34
N GLU C 80 -15.93 -12.90 23.54
CA GLU C 80 -16.77 -14.08 23.51
C GLU C 80 -16.77 -14.61 22.08
N PRO C 81 -17.10 -15.90 21.90
CA PRO C 81 -17.00 -16.47 20.55
C PRO C 81 -17.94 -15.81 19.54
N TYR C 82 -19.06 -15.25 20.02
CA TYR C 82 -19.98 -14.57 19.12
C TYR C 82 -19.55 -13.14 18.75
N PHE C 83 -18.48 -12.65 19.36
CA PHE C 83 -18.02 -11.28 19.10
C PHE C 83 -16.69 -11.16 18.37
N GLN C 84 -16.34 -12.14 17.54
CA GLN C 84 -15.08 -12.05 16.81
C GLN C 84 -15.23 -11.55 15.38
N ASN C 85 -16.42 -11.67 14.82
CA ASN C 85 -16.69 -11.19 13.47
C ASN C 85 -17.71 -10.05 13.44
N VAL C 86 -17.56 -9.11 14.37
CA VAL C 86 -18.45 -7.96 14.44
C VAL C 86 -17.88 -6.83 13.57
N SER C 87 -18.73 -6.25 12.73
CA SER C 87 -18.31 -5.20 11.81
C SER C 87 -17.97 -3.91 12.54
N GLU C 88 -17.22 -3.05 11.88
CA GLU C 88 -16.80 -1.78 12.45
C GLU C 88 -17.97 -0.85 12.71
N GLU C 89 -19.00 -0.96 11.87
CA GLU C 89 -20.19 -0.11 12.01
C GLU C 89 -20.92 -0.37 13.32
N GLU C 90 -21.13 -1.64 13.65
CA GLU C 90 -21.84 -2.01 14.87
C GLU C 90 -21.07 -1.62 16.13
N VAL C 91 -19.75 -1.81 16.09
CA VAL C 91 -18.90 -1.44 17.21
C VAL C 91 -18.91 0.07 17.42
N LEU C 92 -18.75 0.82 16.33
CA LEU C 92 -18.76 2.27 16.37
C LEU C 92 -20.08 2.80 16.92
N ARG C 93 -21.18 2.25 16.43
CA ARG C 93 -22.51 2.63 16.89
C ARG C 93 -22.70 2.32 18.37
N LEU C 94 -22.22 1.15 18.77
CA LEU C 94 -22.28 0.74 20.18
C LEU C 94 -21.55 1.73 21.09
N THR C 95 -20.28 1.98 20.80
CA THR C 95 -19.45 2.85 21.62
C THR C 95 -19.98 4.29 21.63
N SER C 96 -20.45 4.75 20.48
CA SER C 96 -21.02 6.10 20.39
C SER C 96 -22.26 6.21 21.27
N LEU C 97 -23.09 5.17 21.24
CA LEU C 97 -24.28 5.13 22.08
C LEU C 97 -23.91 5.19 23.56
N ILE C 98 -22.91 4.39 23.94
CA ILE C 98 -22.42 4.38 25.31
C ILE C 98 -21.97 5.77 25.74
N LYS C 99 -21.10 6.38 24.94
CA LYS C 99 -20.59 7.71 25.20
C LYS C 99 -21.70 8.74 25.38
N GLU C 100 -22.70 8.67 24.50
CA GLU C 100 -23.75 9.67 24.52
C GLU C 100 -24.65 9.50 25.76
N GLN C 101 -25.00 8.26 26.08
CA GLN C 101 -25.81 7.98 27.26
C GLN C 101 -25.10 8.41 28.55
N PHE C 102 -23.81 8.09 28.63
CA PHE C 102 -23.00 8.48 29.77
C PHE C 102 -22.96 10.00 29.92
N SER C 103 -22.70 10.68 28.81
CA SER C 103 -22.67 12.13 28.78
C SER C 103 -23.98 12.72 29.28
N THR C 104 -25.09 12.17 28.79
CA THR C 104 -26.42 12.63 29.20
C THR C 104 -26.63 12.49 30.70
N TRP C 105 -26.30 11.31 31.22
CA TRP C 105 -26.40 11.05 32.66
C TRP C 105 -25.61 12.08 33.46
N GLN C 106 -24.34 12.28 33.08
CA GLN C 106 -23.46 13.20 33.79
C GLN C 106 -23.98 14.64 33.75
N ASN C 107 -24.50 15.06 32.61
CA ASN C 107 -25.03 16.43 32.49
C ASN C 107 -26.28 16.64 33.32
N GLN C 108 -27.15 15.63 33.36
CA GLN C 108 -28.34 15.70 34.19
C GLN C 108 -27.96 15.84 35.67
N LYS C 109 -27.03 14.98 36.09
CA LYS C 109 -26.46 15.04 37.43
C LYS C 109 -25.95 16.44 37.76
N TYR C 110 -25.14 17.00 36.86
CA TYR C 110 -24.55 18.31 37.08
C TYR C 110 -25.61 19.41 37.18
N GLN C 111 -26.66 19.30 36.38
CA GLN C 111 -27.75 20.28 36.45
C GLN C 111 -28.43 20.27 37.81
N LYS C 112 -28.79 19.07 38.27
CA LYS C 112 -29.44 18.97 39.59
C LYS C 112 -28.52 19.46 40.71
N GLU C 113 -27.23 19.16 40.58
CA GLU C 113 -26.25 19.62 41.57
C GLU C 113 -26.14 21.14 41.55
N LEU C 114 -26.30 21.71 40.37
CA LEU C 114 -26.31 23.17 40.19
C LEU C 114 -27.47 23.78 40.96
N ASN C 115 -28.66 23.21 40.78
CA ASN C 115 -29.84 23.66 41.52
C ASN C 115 -29.60 23.60 43.03
N LEU C 116 -29.08 22.47 43.48
CA LEU C 116 -28.75 22.27 44.89
C LEU C 116 -27.83 23.37 45.42
N ASP C 117 -26.76 23.67 44.68
CA ASP C 117 -25.79 24.66 45.11
C ASP C 117 -26.41 26.06 45.18
N LYS C 118 -27.28 26.36 44.21
CA LYS C 118 -27.97 27.65 44.21
C LYS C 118 -28.85 27.77 45.47
N LYS C 119 -29.52 26.67 45.82
CA LYS C 119 -30.33 26.66 47.04
C LYS C 119 -29.47 26.88 48.28
N ARG C 120 -28.28 26.27 48.30
CA ARG C 120 -27.36 26.47 49.42
C ARG C 120 -26.96 27.94 49.57
N ALA C 121 -26.63 28.58 48.45
CA ALA C 121 -26.28 30.00 48.46
C ALA C 121 -27.43 30.83 49.04
N GLU C 122 -28.64 30.52 48.59
CA GLU C 122 -29.81 31.22 49.11
C GLU C 122 -29.94 31.05 50.62
N ARG C 123 -29.66 29.84 51.10
CA ARG C 123 -29.67 29.58 52.54
C ARG C 123 -28.69 30.48 53.28
N LEU C 124 -27.48 30.60 52.73
CA LEU C 124 -26.48 31.47 53.36
C LEU C 124 -26.96 32.92 53.44
N THR C 125 -27.52 33.41 52.33
CA THR C 125 -28.09 34.76 52.33
C THR C 125 -29.15 34.94 53.43
N ILE C 126 -30.05 33.96 53.52
CA ILE C 126 -31.11 33.99 54.53
C ILE C 126 -30.52 34.03 55.95
N LEU C 127 -29.48 33.25 56.19
CA LEU C 127 -28.82 33.25 57.50
C LEU C 127 -28.26 34.63 57.83
N ALA C 128 -27.64 35.26 56.83
CA ALA C 128 -27.12 36.62 57.00
C ALA C 128 -28.24 37.59 57.40
N ARG C 129 -29.35 37.52 56.68
CA ARG C 129 -30.50 38.39 56.97
C ARG C 129 -31.03 38.16 58.39
N ILE C 130 -31.06 36.88 58.80
CA ILE C 130 -31.50 36.53 60.14
C ILE C 130 -30.61 37.20 61.18
N ASN C 131 -29.30 37.13 60.97
CA ASN C 131 -28.38 37.81 61.87
C ASN C 131 -28.66 39.31 61.96
N ARG C 132 -28.80 39.94 60.79
CA ARG C 132 -29.08 41.38 60.72
C ARG C 132 -30.32 41.77 61.51
N TYR C 133 -31.43 41.07 61.31
CA TYR C 133 -32.68 41.46 61.95
C TYR C 133 -32.75 40.98 63.40
N GLU C 134 -31.86 40.07 63.77
CA GLU C 134 -31.75 39.66 65.17
C GLU C 134 -31.09 40.79 65.96
N ASN C 135 -30.00 41.31 65.39
CA ASN C 135 -29.32 42.45 66.00
C ASN C 135 -30.20 43.68 66.01
N LEU C 136 -30.88 43.94 64.91
CA LEU C 136 -31.80 45.07 64.82
C LEU C 136 -32.92 44.97 65.85
N SER C 137 -33.52 43.79 65.96
CA SER C 137 -34.58 43.54 66.94
C SER C 137 -34.07 43.87 68.33
N ARG C 138 -32.87 43.40 68.64
CA ARG C 138 -32.29 43.62 69.97
C ARG C 138 -32.04 45.12 70.27
N VAL C 139 -31.48 45.82 69.29
CA VAL C 139 -31.22 47.25 69.42
C VAL C 139 -32.51 48.03 69.68
N GLU C 140 -33.50 47.79 68.82
CA GLU C 140 -34.79 48.46 68.92
C GLU C 140 -35.47 48.13 70.25
N LYS C 141 -35.22 46.92 70.74
CA LYS C 141 -35.77 46.51 72.03
C LYS C 141 -35.18 47.33 73.18
N SER C 142 -33.87 47.57 73.14
CA SER C 142 -33.27 48.32 74.25
C SER C 142 -33.65 49.81 74.17
N ARG C 143 -33.77 50.31 72.94
CA ARG C 143 -34.20 51.70 72.75
C ARG C 143 -35.61 51.86 73.31
N LEU C 144 -36.44 50.87 73.01
CA LEU C 144 -37.82 50.83 73.49
C LEU C 144 -37.88 50.80 75.01
N ASP C 145 -36.95 50.06 75.62
CA ASP C 145 -36.94 50.00 77.08
C ASP C 145 -36.63 51.37 77.68
N ASP C 146 -35.64 52.06 77.12
CA ASP C 146 -35.33 53.41 77.59
C ASP C 146 -36.51 54.36 77.39
N PHE C 147 -37.17 54.25 76.25
CA PHE C 147 -38.35 55.09 75.97
C PHE C 147 -39.43 54.83 76.99
N ARG C 148 -39.65 53.56 77.33
CA ARG C 148 -40.73 53.20 78.23
C ARG C 148 -40.39 53.51 79.69
N SER C 149 -39.13 53.81 79.98
CA SER C 149 -38.83 54.32 81.32
C SER C 149 -38.68 55.83 81.32
N LEU C 150 -38.70 56.46 80.15
CA LEU C 150 -38.91 57.90 80.09
C LEU C 150 -40.39 58.23 80.13
N LEU C 151 -41.22 57.29 79.71
CA LEU C 151 -42.67 57.43 79.83
C LEU C 151 -43.08 57.34 81.29
N HIS C 152 -42.46 56.42 82.03
CA HIS C 152 -42.83 56.14 83.40
C HIS C 152 -42.26 57.21 84.35
N LYS C 153 -41.47 58.12 83.80
CA LYS C 153 -41.01 59.29 84.55
C LYS C 153 -41.58 60.57 83.98
N GLN C 154 -42.67 60.42 83.22
CA GLN C 154 -43.39 61.53 82.62
C GLN C 154 -42.46 62.55 81.97
N ALA C 155 -41.47 62.05 81.24
CA ALA C 155 -40.49 62.90 80.60
C ALA C 155 -40.58 62.84 79.08
N ILE C 156 -41.49 62.02 78.55
CA ILE C 156 -41.61 61.83 77.12
C ILE C 156 -43.07 61.60 76.73
N ALA C 157 -43.40 61.96 75.49
CA ALA C 157 -44.74 61.75 74.96
C ALA C 157 -45.01 60.28 74.69
N LYS C 158 -46.25 59.86 74.91
CA LYS C 158 -46.69 58.49 74.68
C LYS C 158 -46.47 58.07 73.22
N HIS C 159 -46.64 59.02 72.31
CA HIS C 159 -46.51 58.77 70.88
C HIS C 159 -45.12 58.28 70.48
N ALA C 160 -44.08 58.90 71.05
CA ALA C 160 -42.70 58.51 70.75
C ALA C 160 -42.45 57.06 71.17
N VAL C 161 -42.99 56.70 72.33
CA VAL C 161 -42.88 55.34 72.84
C VAL C 161 -43.58 54.39 71.86
N LEU C 162 -44.76 54.81 71.41
CA LEU C 162 -45.52 54.03 70.43
C LEU C 162 -44.74 53.82 69.13
N GLU C 163 -43.99 54.84 68.72
CA GLU C 163 -43.26 54.79 67.46
C GLU C 163 -42.05 53.87 67.56
N GLN C 164 -41.37 53.94 68.69
CA GLN C 164 -40.23 53.05 68.92
C GLN C 164 -40.71 51.60 69.04
N GLU C 165 -41.85 51.40 69.69
CA GLU C 165 -42.43 50.08 69.81
C GLU C 165 -42.82 49.53 68.45
N ASN C 166 -43.34 50.41 67.58
CA ASN C 166 -43.66 50.03 66.22
C ASN C 166 -42.41 49.57 65.46
N LYS C 167 -41.33 50.35 65.59
CA LYS C 167 -40.06 49.98 64.96
C LYS C 167 -39.61 48.59 65.41
N TYR C 168 -39.60 48.37 66.73
CA TYR C 168 -39.19 47.08 67.28
C TYR C 168 -40.06 45.93 66.79
N VAL C 169 -41.37 46.14 66.78
CA VAL C 169 -42.32 45.13 66.34
C VAL C 169 -42.06 44.76 64.88
N GLU C 170 -41.86 45.78 64.04
CA GLU C 170 -41.56 45.55 62.63
C GLU C 170 -40.28 44.71 62.47
N ALA C 171 -39.24 45.09 63.21
CA ALA C 171 -37.99 44.34 63.16
C ALA C 171 -38.18 42.87 63.54
N ALA C 172 -38.92 42.64 64.63
CA ALA C 172 -39.17 41.29 65.12
C ALA C 172 -39.95 40.47 64.09
N ASN C 173 -40.94 41.08 63.48
CA ASN C 173 -41.74 40.42 62.45
C ASN C 173 -40.88 40.03 61.26
N GLU C 174 -40.01 40.93 60.83
CA GLU C 174 -39.09 40.65 59.73
C GLU C 174 -38.21 39.45 60.08
N LEU C 175 -37.70 39.44 61.31
CA LEU C 175 -36.88 38.32 61.79
C LEU C 175 -37.64 37.00 61.68
N ARG C 176 -38.87 36.98 62.17
CA ARG C 176 -39.71 35.78 62.13
C ARG C 176 -39.90 35.30 60.69
N VAL C 177 -40.22 36.25 59.80
CA VAL C 177 -40.38 35.96 58.37
C VAL C 177 -39.14 35.26 57.81
N TYR C 178 -37.97 35.83 58.06
CA TYR C 178 -36.73 35.27 57.52
C TYR C 178 -36.38 33.91 58.15
N LYS C 179 -36.81 33.70 59.40
CA LYS C 179 -36.61 32.40 60.05
C LYS C 179 -37.46 31.33 59.36
N SER C 180 -38.72 31.66 59.10
CA SER C 180 -39.60 30.77 58.37
C SER C 180 -39.02 30.46 57.00
N GLN C 181 -38.47 31.49 56.36
CA GLN C 181 -37.79 31.34 55.09
C GLN C 181 -36.59 30.38 55.20
N LEU C 182 -35.91 30.42 56.34
CA LEU C 182 -34.81 29.49 56.58
C LEU C 182 -35.33 28.06 56.58
N GLU C 183 -36.46 27.84 57.26
CA GLU C 183 -37.06 26.51 57.27
C GLU C 183 -37.38 26.05 55.85
N GLN C 184 -37.99 26.95 55.08
CA GLN C 184 -38.38 26.63 53.71
C GLN C 184 -37.19 26.29 52.84
N ILE C 185 -36.15 27.10 52.89
CA ILE C 185 -34.98 26.89 52.05
C ILE C 185 -34.22 25.62 52.45
N GLU C 186 -34.22 25.27 53.73
CA GLU C 186 -33.56 24.04 54.14
C GLU C 186 -34.33 22.83 53.60
N SER C 187 -35.66 22.91 53.68
CA SER C 187 -36.50 21.85 53.12
C SER C 187 -36.24 21.70 51.62
N GLU C 188 -36.16 22.82 50.92
CA GLU C 188 -35.90 22.82 49.48
C GLU C 188 -34.52 22.24 49.16
N ILE C 189 -33.56 22.49 50.04
CA ILE C 189 -32.22 21.92 49.88
C ILE C 189 -32.31 20.40 49.95
N LEU C 190 -33.06 19.91 50.94
CA LEU C 190 -33.29 18.47 51.06
C LEU C 190 -33.90 17.90 49.77
N SER C 191 -34.94 18.56 49.28
CA SER C 191 -35.61 18.12 48.05
C SER C 191 -34.65 18.10 46.85
N ALA C 192 -33.78 19.10 46.78
CA ALA C 192 -32.82 19.19 45.68
C ALA C 192 -31.82 18.04 45.74
N LYS C 193 -31.39 17.71 46.96
CA LYS C 193 -30.52 16.55 47.16
C LYS C 193 -31.21 15.28 46.67
N GLU C 194 -32.50 15.17 46.99
CA GLU C 194 -33.26 13.98 46.64
C GLU C 194 -33.47 13.86 45.13
N GLU C 195 -33.57 15.00 44.45
CA GLU C 195 -33.61 15.02 42.98
C GLU C 195 -32.28 14.56 42.40
N TYR C 196 -31.20 15.12 42.93
CA TYR C 196 -29.85 14.77 42.50
C TYR C 196 -29.64 13.26 42.59
N GLN C 197 -30.05 12.66 43.69
CA GLN C 197 -29.92 11.21 43.85
C GLN C 197 -30.88 10.48 42.90
N LEU C 198 -32.05 11.09 42.68
CA LEU C 198 -33.08 10.48 41.84
C LEU C 198 -32.59 10.27 40.40
N VAL C 199 -31.76 11.18 39.93
CA VAL C 199 -31.18 11.04 38.58
C VAL C 199 -30.49 9.69 38.38
N THR C 200 -29.51 9.41 39.24
CA THR C 200 -28.74 8.18 39.17
C THR C 200 -29.63 6.97 39.50
N ARG C 201 -30.59 7.18 40.41
CA ARG C 201 -31.54 6.13 40.75
C ARG C 201 -32.31 5.65 39.52
N LEU C 202 -32.89 6.58 38.79
CA LEU C 202 -33.67 6.27 37.59
C LEU C 202 -32.79 5.68 36.49
N PHE C 203 -31.59 6.23 36.32
CA PHE C 203 -30.67 5.72 35.31
C PHE C 203 -30.33 4.25 35.58
N LYS C 204 -29.92 3.97 36.81
CA LYS C 204 -29.61 2.60 37.22
C LYS C 204 -30.82 1.69 37.04
N ASN C 205 -32.01 2.18 37.41
CA ASN C 205 -33.23 1.40 37.23
C ASN C 205 -33.42 0.97 35.79
N GLU C 206 -33.30 1.92 34.87
CA GLU C 206 -33.50 1.62 33.45
C GLU C 206 -32.42 0.68 32.93
N ILE C 207 -31.20 0.81 33.44
CA ILE C 207 -30.14 -0.11 33.06
C ILE C 207 -30.45 -1.54 33.51
N LEU C 208 -30.89 -1.69 34.75
CA LEU C 208 -31.29 -2.99 35.28
C LEU C 208 -32.41 -3.62 34.45
N ASP C 209 -33.40 -2.81 34.11
CA ASP C 209 -34.52 -3.26 33.29
C ASP C 209 -34.03 -3.76 31.94
N LYS C 210 -33.19 -2.96 31.29
CA LYS C 210 -32.66 -3.32 29.99
C LYS C 210 -31.82 -4.59 30.03
N LEU C 211 -31.06 -4.76 31.11
CA LEU C 211 -30.27 -5.98 31.28
C LEU C 211 -31.18 -7.20 31.40
N ARG C 212 -32.25 -7.05 32.17
CA ARG C 212 -33.25 -8.11 32.28
C ARG C 212 -33.81 -8.49 30.90
N GLN C 213 -34.28 -7.49 30.17
CA GLN C 213 -34.86 -7.70 28.85
C GLN C 213 -33.89 -8.39 27.90
N THR C 214 -32.65 -7.90 27.85
CA THR C 214 -31.65 -8.46 26.95
C THR C 214 -31.27 -9.89 27.32
N THR C 215 -31.17 -10.19 28.61
CA THR C 215 -30.85 -11.56 29.02
C THR C 215 -31.96 -12.54 28.66
N ASP C 216 -33.20 -12.17 29.00
CA ASP C 216 -34.35 -13.02 28.69
C ASP C 216 -34.46 -13.25 27.19
N ASN C 217 -34.32 -12.16 26.43
CA ASN C 217 -34.37 -12.23 24.98
C ASN C 217 -33.26 -13.07 24.39
N ILE C 218 -32.06 -13.01 24.96
CA ILE C 218 -30.95 -13.83 24.48
C ILE C 218 -31.26 -15.30 24.69
N GLU C 219 -31.84 -15.62 25.85
CA GLU C 219 -32.25 -17.00 26.13
C GLU C 219 -33.28 -17.49 25.09
N LEU C 220 -34.35 -16.71 24.92
CA LEU C 220 -35.43 -17.07 24.02
C LEU C 220 -34.96 -17.21 22.58
N LEU C 221 -34.14 -16.26 22.15
CA LEU C 221 -33.58 -16.26 20.79
C LEU C 221 -32.63 -17.43 20.59
N THR C 222 -31.96 -17.85 21.65
CA THR C 222 -31.07 -19.01 21.57
C THR C 222 -31.90 -20.27 21.33
N LEU C 223 -32.97 -20.42 22.08
CA LEU C 223 -33.87 -21.56 21.90
C LEU C 223 -34.44 -21.56 20.47
N GLU C 224 -34.94 -20.41 20.05
CA GLU C 224 -35.51 -20.27 18.71
C GLU C 224 -34.49 -20.59 17.64
N LEU C 225 -33.24 -20.21 17.87
CA LEU C 225 -32.16 -20.51 16.95
C LEU C 225 -31.95 -22.01 16.87
N GLU C 226 -32.06 -22.69 18.00
CA GLU C 226 -31.97 -24.16 17.99
C GLU C 226 -33.06 -24.74 17.10
N LYS C 227 -34.29 -24.26 17.27
CA LYS C 227 -35.39 -24.72 16.42
C LYS C 227 -35.12 -24.47 14.93
N ASN C 228 -34.67 -23.27 14.61
CA ASN C 228 -34.36 -22.90 13.23
C ASN C 228 -33.29 -23.80 12.62
N GLU C 229 -32.24 -24.08 13.40
CA GLU C 229 -31.16 -24.94 12.93
C GLU C 229 -31.63 -26.38 12.76
N GLU C 230 -32.57 -26.79 13.60
CA GLU C 230 -33.14 -28.13 13.49
C GLU C 230 -33.97 -28.26 12.21
N ARG C 231 -34.76 -27.24 11.90
CA ARG C 231 -35.57 -27.27 10.68
C ARG C 231 -34.71 -27.12 9.42
N GLN C 232 -33.62 -26.37 9.53
CA GLN C 232 -32.82 -26.02 8.36
C GLN C 232 -31.95 -27.18 7.88
N GLN C 233 -31.69 -28.15 8.76
CA GLN C 233 -30.81 -29.25 8.41
C GLN C 233 -31.39 -30.10 7.28
N ALA C 234 -30.52 -30.52 6.37
CA ALA C 234 -30.91 -31.15 5.12
C ALA C 234 -31.72 -32.44 5.31
N SER C 235 -32.81 -32.53 4.56
CA SER C 235 -33.59 -33.75 4.45
C SER C 235 -32.96 -34.67 3.42
N VAL C 236 -32.97 -35.98 3.70
CA VAL C 236 -32.35 -36.93 2.79
C VAL C 236 -33.40 -37.79 2.06
N ILE C 237 -33.20 -37.93 0.75
CA ILE C 237 -34.01 -38.80 -0.08
C ILE C 237 -33.21 -40.07 -0.37
N ARG C 238 -33.75 -41.20 0.06
CA ARG C 238 -33.08 -42.48 -0.11
C ARG C 238 -33.77 -43.29 -1.21
N ALA C 239 -32.98 -44.10 -1.91
CA ALA C 239 -33.52 -44.96 -2.97
C ALA C 239 -34.54 -45.96 -2.44
N PRO C 240 -35.76 -45.91 -2.97
CA PRO C 240 -36.84 -46.83 -2.61
C PRO C 240 -36.65 -48.20 -3.27
N VAL C 241 -35.85 -48.21 -4.34
CA VAL C 241 -35.51 -49.45 -5.03
C VAL C 241 -34.02 -49.44 -5.39
N SER C 242 -33.47 -50.63 -5.63
CA SER C 242 -32.07 -50.75 -6.03
C SER C 242 -31.91 -50.63 -7.55
N GLY C 243 -30.74 -50.18 -7.99
CA GLY C 243 -30.44 -50.12 -9.41
C GLY C 243 -29.59 -48.96 -9.87
N LYS C 244 -29.75 -48.59 -11.13
CA LYS C 244 -28.91 -47.56 -11.75
C LYS C 244 -29.67 -46.22 -11.84
N VAL C 245 -28.93 -45.13 -11.66
CA VAL C 245 -29.48 -43.77 -11.74
C VAL C 245 -29.44 -43.17 -13.13
N GLN C 246 -30.61 -42.85 -13.65
CA GLN C 246 -30.72 -42.28 -14.98
C GLN C 246 -31.59 -41.01 -15.04
N GLN C 247 -31.34 -40.19 -16.06
CA GLN C 247 -31.99 -38.89 -16.19
C GLN C 247 -31.79 -38.03 -14.94
N LEU C 248 -30.55 -37.95 -14.49
CA LEU C 248 -30.15 -37.12 -13.35
C LEU C 248 -30.03 -35.66 -13.75
N LYS C 249 -30.75 -34.78 -13.05
CA LYS C 249 -30.78 -33.37 -13.42
C LYS C 249 -29.85 -32.52 -12.56
N VAL C 250 -28.60 -32.97 -12.42
CA VAL C 250 -27.55 -32.32 -11.63
C VAL C 250 -27.63 -30.77 -11.58
N HIS C 251 -28.09 -30.17 -12.67
CA HIS C 251 -28.23 -28.72 -12.78
C HIS C 251 -29.22 -28.12 -11.79
N THR C 252 -29.97 -28.98 -11.10
CA THR C 252 -31.00 -28.49 -10.19
C THR C 252 -30.42 -28.30 -8.78
N GLU C 253 -29.12 -28.55 -8.62
CA GLU C 253 -28.48 -28.29 -7.34
C GLU C 253 -28.35 -26.79 -7.10
N GLY C 254 -28.77 -26.36 -5.91
CA GLY C 254 -28.73 -24.96 -5.53
C GLY C 254 -30.00 -24.28 -5.99
N GLY C 255 -30.79 -25.01 -6.80
CA GLY C 255 -32.04 -24.52 -7.33
C GLY C 255 -33.26 -24.98 -6.55
N VAL C 256 -34.39 -24.35 -6.82
CA VAL C 256 -35.65 -24.71 -6.16
C VAL C 256 -36.32 -25.84 -6.94
N VAL C 257 -36.82 -26.84 -6.22
CA VAL C 257 -37.58 -27.93 -6.84
C VAL C 257 -39.00 -28.02 -6.31
N THR C 258 -39.91 -28.44 -7.18
CA THR C 258 -41.32 -28.53 -6.83
C THR C 258 -41.76 -29.99 -6.90
N THR C 259 -42.91 -30.28 -6.28
CA THR C 259 -43.44 -31.65 -6.22
C THR C 259 -43.68 -32.28 -7.59
N ALA C 260 -43.73 -31.45 -8.64
CA ALA C 260 -43.96 -31.92 -9.99
C ALA C 260 -42.65 -32.26 -10.72
N GLU C 261 -41.53 -32.03 -10.05
CA GLU C 261 -40.22 -32.23 -10.67
C GLU C 261 -39.69 -33.64 -10.43
N THR C 262 -39.21 -34.28 -11.49
CA THR C 262 -38.53 -35.57 -11.39
C THR C 262 -37.02 -35.38 -11.33
N LEU C 263 -36.43 -35.57 -10.15
CA LEU C 263 -35.00 -35.32 -9.98
C LEU C 263 -34.16 -36.38 -10.70
N MET C 264 -34.64 -37.61 -10.70
CA MET C 264 -33.96 -38.72 -11.37
C MET C 264 -34.88 -39.93 -11.44
N VAL C 265 -34.46 -40.95 -12.17
CA VAL C 265 -35.19 -42.21 -12.20
C VAL C 265 -34.24 -43.34 -11.85
N ILE C 266 -34.75 -44.32 -11.11
CA ILE C 266 -33.94 -45.48 -10.73
C ILE C 266 -34.45 -46.72 -11.48
N VAL C 267 -33.60 -47.32 -12.29
CA VAL C 267 -34.05 -48.47 -13.08
C VAL C 267 -33.36 -49.74 -12.58
N SER D 3 48.59 32.24 24.50
CA SER D 3 47.40 32.01 23.70
C SER D 3 47.77 31.70 22.26
N LYS D 4 47.20 30.63 21.71
CA LYS D 4 47.43 30.25 20.33
C LYS D 4 46.14 30.16 19.54
N GLU D 5 46.11 30.80 18.37
CA GLU D 5 44.92 30.75 17.53
C GLU D 5 45.06 29.54 16.62
N ILE D 6 43.93 28.92 16.29
CA ILE D 6 43.99 27.75 15.43
C ILE D 6 43.30 28.06 14.09
N LYS D 7 44.11 28.09 13.05
CA LYS D 7 43.64 28.40 11.70
C LYS D 7 43.97 27.26 10.76
N PRO D 8 43.11 27.07 9.75
CA PRO D 8 43.42 26.03 8.76
C PRO D 8 44.66 26.38 7.97
N ILE D 9 45.49 25.38 7.72
CA ILE D 9 46.72 25.56 6.96
C ILE D 9 46.37 25.71 5.48
N GLU D 10 45.13 25.38 5.15
CA GLU D 10 44.65 25.35 3.78
C GLU D 10 43.13 25.37 3.76
N ASN D 11 42.54 26.02 2.75
CA ASN D 11 41.09 25.99 2.59
C ASN D 11 40.57 24.55 2.52
N SER D 12 39.72 24.19 3.48
CA SER D 12 39.24 22.81 3.61
C SER D 12 37.81 22.77 4.13
N ILE D 13 37.30 21.57 4.38
CA ILE D 13 35.98 21.41 4.98
C ILE D 13 36.07 20.77 6.36
N VAL D 14 35.41 21.37 7.35
CA VAL D 14 35.38 20.79 8.68
C VAL D 14 34.48 19.57 8.71
N LYS D 15 35.07 18.39 8.78
CA LYS D 15 34.32 17.13 8.80
C LYS D 15 33.75 16.83 10.18
N GLU D 16 34.55 17.02 11.23
CA GLU D 16 34.09 16.73 12.58
C GLU D 16 34.85 17.51 13.64
N ILE D 17 34.12 18.10 14.58
CA ILE D 17 34.72 18.72 15.75
C ILE D 17 34.61 17.78 16.94
N ILE D 18 35.76 17.40 17.50
CA ILE D 18 35.82 16.42 18.58
C ILE D 18 35.88 17.13 19.92
N VAL D 19 36.50 18.30 19.92
CA VAL D 19 36.68 19.09 21.13
C VAL D 19 35.42 19.90 21.44
N LYS D 20 35.14 20.10 22.72
CA LYS D 20 34.04 20.98 23.11
C LYS D 20 34.55 22.26 23.76
N GLU D 21 33.67 23.23 23.94
CA GLU D 21 34.02 24.51 24.54
C GLU D 21 34.41 24.37 26.01
N GLY D 22 35.63 24.78 26.33
CA GLY D 22 36.11 24.75 27.70
C GLY D 22 36.88 23.47 28.03
N GLU D 23 37.01 22.60 27.03
CA GLU D 23 37.70 21.33 27.23
C GLU D 23 39.21 21.52 27.36
N SER D 24 39.83 20.71 28.21
CA SER D 24 41.29 20.75 28.39
C SER D 24 41.97 19.74 27.46
N VAL D 25 42.98 20.20 26.73
CA VAL D 25 43.70 19.33 25.80
C VAL D 25 45.21 19.40 26.02
N ARG D 26 45.90 18.32 25.65
CA ARG D 26 47.35 18.29 25.70
C ARG D 26 47.92 18.58 24.32
N LYS D 27 49.19 18.98 24.27
CA LYS D 27 49.84 19.24 23.00
C LYS D 27 49.95 17.96 22.16
N GLY D 28 49.38 17.98 20.97
CA GLY D 28 49.39 16.82 20.10
C GLY D 28 48.03 16.14 20.00
N ASP D 29 47.12 16.51 20.91
CA ASP D 29 45.77 15.97 20.92
C ASP D 29 44.98 16.40 19.69
N VAL D 30 44.14 15.49 19.18
CA VAL D 30 43.33 15.80 18.01
C VAL D 30 42.16 16.70 18.40
N LEU D 31 42.01 17.80 17.67
CA LEU D 31 40.97 18.77 17.96
C LEU D 31 39.87 18.75 16.91
N LEU D 32 40.27 18.59 15.65
CA LEU D 32 39.37 18.75 14.53
C LEU D 32 39.79 17.88 13.36
N LYS D 33 38.81 17.36 12.63
CA LYS D 33 39.06 16.56 11.43
C LYS D 33 38.62 17.29 10.17
N LEU D 34 39.48 17.28 9.15
CA LEU D 34 39.22 17.99 7.90
C LEU D 34 39.14 17.09 6.67
N THR D 35 38.29 17.50 5.73
CA THR D 35 38.19 16.85 4.43
C THR D 35 38.61 17.84 3.34
N ALA D 36 39.48 17.37 2.44
CA ALA D 36 40.01 18.21 1.38
C ALA D 36 38.93 18.66 0.40
N LEU D 37 39.06 19.89 -0.08
CA LEU D 37 38.10 20.45 -1.02
C LEU D 37 38.06 19.68 -2.34
N GLY D 38 36.86 19.29 -2.76
CA GLY D 38 36.67 18.65 -4.05
C GLY D 38 36.98 17.16 -4.08
N ALA D 39 37.37 16.61 -2.95
CA ALA D 39 37.73 15.20 -2.87
C ALA D 39 36.50 14.32 -3.09
N GLU D 40 35.40 14.72 -2.48
CA GLU D 40 34.16 13.94 -2.50
C GLU D 40 33.58 13.85 -3.91
N ALA D 41 33.68 14.96 -4.64
CA ALA D 41 33.20 15.03 -6.02
C ALA D 41 34.05 14.14 -6.92
N ASP D 42 35.36 14.19 -6.73
CA ASP D 42 36.28 13.35 -7.48
C ASP D 42 35.95 11.87 -7.27
N THR D 43 35.80 11.49 -6.01
CA THR D 43 35.47 10.11 -5.67
C THR D 43 34.16 9.70 -6.32
N LEU D 44 33.19 10.61 -6.33
CA LEU D 44 31.90 10.33 -6.97
C LEU D 44 32.06 10.08 -8.48
N LYS D 45 32.83 10.94 -9.14
CA LYS D 45 33.08 10.81 -10.57
C LYS D 45 33.74 9.47 -10.91
N THR D 46 34.80 9.16 -10.18
CA THR D 46 35.53 7.91 -10.43
C THR D 46 34.66 6.69 -10.17
N GLN D 47 33.88 6.72 -9.09
CA GLN D 47 32.98 5.60 -8.79
C GLN D 47 31.91 5.40 -9.87
N SER D 48 31.34 6.51 -10.33
CA SER D 48 30.32 6.47 -11.38
C SER D 48 30.91 5.86 -12.66
N SER D 49 32.08 6.36 -13.04
CA SER D 49 32.76 5.85 -14.22
C SER D 49 33.07 4.36 -14.09
N LEU D 50 33.50 3.95 -12.90
CA LEU D 50 33.80 2.55 -12.63
C LEU D 50 32.57 1.67 -12.81
N LEU D 51 31.46 2.09 -12.22
CA LEU D 51 30.21 1.35 -12.34
C LEU D 51 29.78 1.23 -13.79
N GLN D 52 29.86 2.34 -14.52
CA GLN D 52 29.49 2.36 -15.94
C GLN D 52 30.33 1.36 -16.74
N THR D 53 31.64 1.43 -16.54
CA THR D 53 32.57 0.56 -17.27
C THR D 53 32.31 -0.91 -16.95
N ARG D 54 31.97 -1.20 -15.69
CA ARG D 54 31.67 -2.56 -15.29
C ARG D 54 30.39 -3.07 -15.94
N LEU D 55 29.39 -2.19 -16.02
CA LEU D 55 28.15 -2.52 -16.72
C LEU D 55 28.41 -2.82 -18.20
N GLU D 56 29.23 -2.02 -18.86
CA GLU D 56 29.55 -2.25 -20.26
C GLU D 56 30.30 -3.56 -20.46
N GLN D 57 31.25 -3.83 -19.56
CA GLN D 57 31.98 -5.09 -19.57
C GLN D 57 31.01 -6.26 -19.48
N THR D 58 30.05 -6.17 -18.57
CA THR D 58 29.03 -7.19 -18.43
C THR D 58 28.23 -7.36 -19.74
N ARG D 59 27.89 -6.23 -20.36
CA ARG D 59 27.17 -6.25 -21.63
C ARG D 59 27.90 -7.10 -22.66
N TYR D 60 29.18 -6.80 -22.87
CA TYR D 60 29.92 -7.50 -23.91
C TYR D 60 30.32 -8.92 -23.55
N GLN D 61 30.41 -9.21 -22.25
CA GLN D 61 30.60 -10.60 -21.82
C GLN D 61 29.37 -11.41 -22.20
N ILE D 62 28.20 -10.86 -21.90
CA ILE D 62 26.94 -11.50 -22.24
C ILE D 62 26.81 -11.68 -23.75
N LEU D 63 27.16 -10.65 -24.51
CA LEU D 63 27.11 -10.72 -25.97
C LEU D 63 28.07 -11.78 -26.53
N SER D 64 29.26 -11.89 -25.93
CA SER D 64 30.22 -12.91 -26.33
C SER D 64 29.62 -14.29 -26.11
N ARG D 65 29.01 -14.46 -24.94
CA ARG D 65 28.33 -15.71 -24.61
C ARG D 65 27.24 -16.01 -25.62
N SER D 66 26.53 -14.98 -26.06
CA SER D 66 25.47 -15.13 -27.04
C SER D 66 26.03 -15.55 -28.40
N ILE D 67 27.26 -15.10 -28.70
CA ILE D 67 27.93 -15.55 -29.91
C ILE D 67 28.23 -17.04 -29.82
N GLU D 68 28.77 -17.47 -28.68
CA GLU D 68 29.11 -18.89 -28.54
C GLU D 68 27.85 -19.78 -28.55
N LEU D 69 26.73 -19.24 -28.08
CA LEU D 69 25.49 -20.01 -28.00
C LEU D 69 24.58 -19.85 -29.22
N ASN D 70 24.81 -18.80 -30.00
CA ASN D 70 23.89 -18.38 -31.06
C ASN D 70 22.50 -18.10 -30.52
N LYS D 71 22.44 -17.73 -29.24
CA LYS D 71 21.22 -17.31 -28.59
C LYS D 71 21.57 -16.54 -27.31
N LEU D 72 20.69 -15.65 -26.90
CA LEU D 72 20.92 -14.86 -25.70
C LEU D 72 20.82 -15.71 -24.43
N PRO D 73 21.81 -15.58 -23.54
CA PRO D 73 21.69 -16.18 -22.20
C PRO D 73 20.69 -15.38 -21.37
N GLU D 74 20.48 -15.77 -20.12
CA GLU D 74 19.55 -15.02 -19.27
C GLU D 74 20.11 -13.63 -19.00
N LEU D 75 19.32 -12.61 -19.32
CA LEU D 75 19.78 -11.23 -19.24
C LEU D 75 19.69 -10.70 -17.81
N LYS D 76 20.62 -11.15 -16.99
CA LYS D 76 20.71 -10.73 -15.59
C LYS D 76 22.13 -10.31 -15.24
N LEU D 77 22.26 -9.37 -14.32
CA LEU D 77 23.58 -8.98 -13.84
C LEU D 77 24.23 -10.11 -13.05
N PRO D 78 25.54 -10.31 -13.25
CA PRO D 78 26.30 -11.27 -12.45
C PRO D 78 26.33 -10.85 -10.99
N ASP D 79 26.42 -11.82 -10.09
CA ASP D 79 26.33 -11.53 -8.67
C ASP D 79 27.71 -11.17 -8.11
N GLU D 80 28.04 -9.89 -8.22
CA GLU D 80 29.33 -9.36 -7.78
C GLU D 80 29.06 -8.24 -6.78
N PRO D 81 30.06 -7.89 -5.94
CA PRO D 81 29.78 -6.90 -4.90
C PRO D 81 29.43 -5.51 -5.44
N TYR D 82 29.93 -5.17 -6.63
CA TYR D 82 29.61 -3.89 -7.24
C TYR D 82 28.25 -3.86 -7.94
N PHE D 83 27.60 -5.02 -8.05
CA PHE D 83 26.32 -5.11 -8.74
C PHE D 83 25.13 -5.44 -7.85
N GLN D 84 25.15 -5.02 -6.59
CA GLN D 84 24.02 -5.35 -5.72
C GLN D 84 22.97 -4.25 -5.59
N ASN D 85 23.40 -3.00 -5.76
CA ASN D 85 22.49 -1.87 -5.68
C ASN D 85 22.43 -1.04 -6.97
N VAL D 86 22.34 -1.73 -8.10
CA VAL D 86 22.25 -1.08 -9.40
C VAL D 86 20.78 -0.80 -9.67
N SER D 87 20.47 0.41 -10.09
CA SER D 87 19.08 0.80 -10.29
C SER D 87 18.47 0.05 -11.47
N GLU D 88 17.14 -0.03 -11.48
CA GLU D 88 16.40 -0.71 -12.52
C GLU D 88 16.53 -0.02 -13.88
N GLU D 89 16.71 1.29 -13.86
CA GLU D 89 16.86 2.06 -15.10
C GLU D 89 18.11 1.64 -15.86
N GLU D 90 19.23 1.53 -15.15
CA GLU D 90 20.50 1.15 -15.75
C GLU D 90 20.46 -0.28 -16.27
N VAL D 91 19.81 -1.16 -15.50
CA VAL D 91 19.67 -2.56 -15.89
C VAL D 91 18.82 -2.70 -17.15
N LEU D 92 17.69 -1.99 -17.16
CA LEU D 92 16.79 -2.02 -18.31
C LEU D 92 17.49 -1.50 -19.56
N ARG D 93 18.22 -0.40 -19.40
CA ARG D 93 18.96 0.19 -20.51
C ARG D 93 20.02 -0.78 -21.04
N LEU D 94 20.74 -1.41 -20.13
CA LEU D 94 21.77 -2.39 -20.47
C LEU D 94 21.19 -3.56 -21.25
N THR D 95 20.15 -4.19 -20.70
CA THR D 95 19.53 -5.35 -21.31
C THR D 95 18.91 -5.01 -22.67
N SER D 96 18.33 -3.82 -22.77
CA SER D 96 17.75 -3.36 -24.03
C SER D 96 18.85 -3.23 -25.08
N LEU D 97 19.99 -2.69 -24.66
CA LEU D 97 21.14 -2.57 -25.56
C LEU D 97 21.59 -3.95 -26.04
N ILE D 98 21.69 -4.90 -25.11
CA ILE D 98 22.05 -6.27 -25.45
C ILE D 98 21.11 -6.84 -26.50
N LYS D 99 19.82 -6.74 -26.23
CA LYS D 99 18.79 -7.21 -27.16
C LYS D 99 18.97 -6.58 -28.54
N GLU D 100 19.29 -5.29 -28.56
CA GLU D 100 19.41 -4.58 -29.84
C GLU D 100 20.62 -5.05 -30.64
N GLN D 101 21.76 -5.17 -29.98
CA GLN D 101 22.97 -5.62 -30.66
C GLN D 101 22.83 -7.05 -31.16
N PHE D 102 22.26 -7.91 -30.33
CA PHE D 102 22.03 -9.30 -30.70
C PHE D 102 21.11 -9.39 -31.92
N SER D 103 19.99 -8.66 -31.88
CA SER D 103 19.05 -8.63 -32.98
C SER D 103 19.72 -8.19 -34.27
N THR D 104 20.51 -7.11 -34.19
CA THR D 104 21.21 -6.58 -35.35
C THR D 104 22.15 -7.61 -35.96
N TRP D 105 22.97 -8.23 -35.10
CA TRP D 105 23.87 -9.29 -35.54
C TRP D 105 23.13 -10.42 -36.26
N GLN D 106 22.07 -10.91 -35.64
CA GLN D 106 21.30 -12.01 -36.20
C GLN D 106 20.71 -11.65 -37.56
N ASN D 107 20.19 -10.44 -37.69
CA ASN D 107 19.59 -10.00 -38.94
C ASN D 107 20.63 -9.84 -40.07
N GLN D 108 21.80 -9.32 -39.73
CA GLN D 108 22.87 -9.20 -40.72
C GLN D 108 23.28 -10.59 -41.22
N LYS D 109 23.49 -11.48 -40.26
CA LYS D 109 23.78 -12.89 -40.58
C LYS D 109 22.75 -13.47 -41.52
N TYR D 110 21.47 -13.29 -41.19
CA TYR D 110 20.39 -13.84 -42.00
C TYR D 110 20.37 -13.29 -43.42
N GLN D 111 20.69 -12.00 -43.56
CA GLN D 111 20.74 -11.40 -44.89
C GLN D 111 21.84 -12.05 -45.74
N LYS D 112 23.03 -12.17 -45.14
CA LYS D 112 24.14 -12.77 -45.87
C LYS D 112 23.83 -14.22 -46.25
N GLU D 113 23.17 -14.93 -45.33
CA GLU D 113 22.77 -16.32 -45.57
C GLU D 113 21.75 -16.41 -46.69
N LEU D 114 20.90 -15.39 -46.78
CA LEU D 114 19.90 -15.29 -47.83
C LEU D 114 20.58 -15.20 -49.20
N ASN D 115 21.55 -14.29 -49.30
CA ASN D 115 22.33 -14.17 -50.54
C ASN D 115 22.99 -15.48 -50.91
N LEU D 116 23.64 -16.11 -49.92
CA LEU D 116 24.30 -17.39 -50.11
C LEU D 116 23.35 -18.45 -50.68
N ASP D 117 22.17 -18.56 -50.10
CA ASP D 117 21.20 -19.56 -50.54
C ASP D 117 20.71 -19.29 -51.96
N LYS D 118 20.48 -18.02 -52.28
CA LYS D 118 20.07 -17.69 -53.65
C LYS D 118 21.15 -18.10 -54.65
N LYS D 119 22.40 -17.85 -54.29
CA LYS D 119 23.51 -18.27 -55.15
C LYS D 119 23.52 -19.80 -55.32
N ARG D 120 23.23 -20.53 -54.25
CA ARG D 120 23.16 -21.98 -54.33
C ARG D 120 22.07 -22.46 -55.30
N ALA D 121 20.89 -21.87 -55.18
CA ALA D 121 19.78 -22.21 -56.08
C ALA D 121 20.15 -21.96 -57.54
N GLU D 122 20.77 -20.80 -57.79
CA GLU D 122 21.21 -20.46 -59.13
C GLU D 122 22.20 -21.50 -59.65
N ARG D 123 23.06 -21.98 -58.76
CA ARG D 123 23.99 -23.05 -59.10
C ARG D 123 23.23 -24.30 -59.54
N LEU D 124 22.17 -24.63 -58.82
CA LEU D 124 21.36 -25.79 -59.17
C LEU D 124 20.77 -25.66 -60.58
N THR D 125 20.22 -24.48 -60.89
CA THR D 125 19.71 -24.23 -62.23
C THR D 125 20.80 -24.46 -63.30
N ILE D 126 22.00 -23.92 -63.02
CA ILE D 126 23.12 -24.08 -63.94
C ILE D 126 23.47 -25.55 -64.16
N LEU D 127 23.44 -26.34 -63.09
CA LEU D 127 23.71 -27.78 -63.17
C LEU D 127 22.67 -28.47 -64.06
N ALA D 128 21.41 -28.08 -63.88
CA ALA D 128 20.34 -28.62 -64.72
C ALA D 128 20.62 -28.37 -66.21
N ARG D 129 20.99 -27.13 -66.52
CA ARG D 129 21.32 -26.78 -67.90
C ARG D 129 22.49 -27.61 -68.42
N ILE D 130 23.49 -27.83 -67.56
CA ILE D 130 24.65 -28.63 -67.92
C ILE D 130 24.24 -30.05 -68.30
N ASN D 131 23.36 -30.66 -67.50
CA ASN D 131 22.83 -31.98 -67.87
C ASN D 131 22.12 -31.96 -69.21
N ARG D 132 21.25 -30.96 -69.39
CA ARG D 132 20.50 -30.82 -70.62
C ARG D 132 21.43 -30.84 -71.85
N TYR D 133 22.46 -30.00 -71.81
CA TYR D 133 23.32 -29.86 -72.98
C TYR D 133 24.41 -30.93 -73.09
N GLU D 134 24.68 -31.67 -72.02
CA GLU D 134 25.59 -32.80 -72.14
C GLU D 134 24.83 -33.93 -72.84
N ASN D 135 23.56 -34.11 -72.46
CA ASN D 135 22.74 -35.12 -73.14
C ASN D 135 22.55 -34.75 -74.62
N LEU D 136 22.25 -33.48 -74.89
CA LEU D 136 22.13 -33.02 -76.27
C LEU D 136 23.43 -33.25 -77.04
N SER D 137 24.55 -32.90 -76.41
CA SER D 137 25.86 -33.08 -77.02
C SER D 137 26.11 -34.52 -77.42
N ARG D 138 25.84 -35.45 -76.51
CA ARG D 138 26.09 -36.86 -76.78
C ARG D 138 25.17 -37.37 -77.90
N VAL D 139 23.91 -36.93 -77.88
CA VAL D 139 22.97 -37.33 -78.93
C VAL D 139 23.46 -36.90 -80.31
N GLU D 140 23.81 -35.62 -80.42
CA GLU D 140 24.30 -35.07 -81.68
C GLU D 140 25.60 -35.76 -82.11
N LYS D 141 26.39 -36.17 -81.11
CA LYS D 141 27.63 -36.88 -81.37
C LYS D 141 27.36 -38.26 -81.97
N SER D 142 26.32 -38.94 -81.50
CA SER D 142 26.03 -40.27 -82.02
C SER D 142 25.42 -40.18 -83.42
N ARG D 143 24.63 -39.12 -83.64
CA ARG D 143 24.08 -38.89 -84.97
C ARG D 143 25.23 -38.61 -85.94
N LEU D 144 26.19 -37.82 -85.46
CA LEU D 144 27.39 -37.49 -86.22
C LEU D 144 28.18 -38.74 -86.56
N ASP D 145 28.24 -39.67 -85.61
CA ASP D 145 28.95 -40.92 -85.83
C ASP D 145 28.29 -41.72 -86.95
N ASP D 146 26.97 -41.81 -86.91
CA ASP D 146 26.26 -42.51 -87.99
C ASP D 146 26.43 -41.83 -89.36
N PHE D 147 26.39 -40.51 -89.38
CA PHE D 147 26.60 -39.75 -90.62
C PHE D 147 27.99 -40.01 -91.17
N ARG D 148 28.96 -40.04 -90.27
CA ARG D 148 30.36 -40.19 -90.63
C ARG D 148 30.66 -41.64 -90.98
N SER D 149 29.72 -42.53 -90.69
CA SER D 149 29.85 -43.90 -91.16
C SER D 149 29.00 -44.17 -92.41
N LEU D 150 28.16 -43.21 -92.80
CA LEU D 150 27.58 -43.24 -94.13
C LEU D 150 28.44 -42.53 -95.18
N LEU D 151 29.25 -41.58 -94.73
CA LEU D 151 30.20 -40.91 -95.62
C LEU D 151 31.30 -41.86 -96.09
N HIS D 152 31.80 -42.68 -95.18
CA HIS D 152 32.95 -43.54 -95.46
C HIS D 152 32.47 -44.77 -96.26
N LYS D 153 31.16 -44.86 -96.45
CA LYS D 153 30.59 -45.88 -97.34
C LYS D 153 29.94 -45.22 -98.55
N GLN D 154 30.35 -43.98 -98.79
CA GLN D 154 29.91 -43.18 -99.95
C GLN D 154 28.41 -43.28 -100.20
N ALA D 155 27.62 -43.17 -99.14
CA ALA D 155 26.17 -43.28 -99.26
C ALA D 155 25.47 -41.96 -98.94
N ILE D 156 26.25 -40.95 -98.57
CA ILE D 156 25.69 -39.66 -98.19
C ILE D 156 26.66 -38.54 -98.58
N ALA D 157 26.11 -37.34 -98.81
CA ALA D 157 26.93 -36.19 -99.16
C ALA D 157 27.73 -35.71 -97.95
N LYS D 158 28.96 -35.24 -98.22
CA LYS D 158 29.85 -34.73 -97.18
C LYS D 158 29.22 -33.55 -96.44
N HIS D 159 28.42 -32.77 -97.16
CA HIS D 159 27.78 -31.58 -96.60
C HIS D 159 26.88 -31.92 -95.41
N ALA D 160 26.12 -33.00 -95.53
CA ALA D 160 25.24 -33.44 -94.45
C ALA D 160 26.04 -33.77 -93.19
N VAL D 161 27.17 -34.45 -93.40
CA VAL D 161 28.07 -34.80 -92.32
C VAL D 161 28.61 -33.56 -91.64
N LEU D 162 29.05 -32.60 -92.45
CA LEU D 162 29.57 -31.33 -91.96
C LEU D 162 28.52 -30.55 -91.16
N GLU D 163 27.27 -30.62 -91.59
CA GLU D 163 26.21 -29.86 -90.95
C GLU D 163 25.80 -30.50 -89.62
N GLN D 164 25.81 -31.83 -89.58
CA GLN D 164 25.56 -32.54 -88.34
C GLN D 164 26.70 -32.25 -87.36
N GLU D 165 27.90 -32.14 -87.92
CA GLU D 165 29.07 -31.79 -87.15
C GLU D 165 28.90 -30.38 -86.56
N ASN D 166 28.29 -29.49 -87.34
CA ASN D 166 27.97 -28.16 -86.85
C ASN D 166 27.01 -28.21 -85.67
N LYS D 167 25.94 -29.01 -85.79
CA LYS D 167 25.01 -29.17 -84.68
C LYS D 167 25.72 -29.64 -83.41
N TYR D 168 26.52 -30.68 -83.55
CA TYR D 168 27.27 -31.22 -82.41
C TYR D 168 28.19 -30.16 -81.79
N VAL D 169 28.90 -29.44 -82.64
CA VAL D 169 29.81 -28.39 -82.18
C VAL D 169 29.08 -27.31 -81.39
N GLU D 170 27.93 -26.87 -81.92
CA GLU D 170 27.11 -25.88 -81.23
C GLU D 170 26.68 -26.36 -79.84
N ALA D 171 26.18 -27.59 -79.79
CA ALA D 171 25.76 -28.19 -78.53
C ALA D 171 26.91 -28.21 -77.52
N ALA D 172 28.08 -28.65 -77.99
CA ALA D 172 29.27 -28.75 -77.14
C ALA D 172 29.69 -27.39 -76.62
N ASN D 173 29.64 -26.38 -77.49
CA ASN D 173 30.00 -25.02 -77.10
C ASN D 173 29.06 -24.49 -76.02
N GLU D 174 27.77 -24.75 -76.19
CA GLU D 174 26.79 -24.35 -75.17
C GLU D 174 27.13 -25.01 -73.84
N LEU D 175 27.45 -26.31 -73.90
CA LEU D 175 27.84 -27.05 -72.72
C LEU D 175 29.03 -26.39 -72.01
N ARG D 176 30.05 -26.03 -72.79
CA ARG D 176 31.24 -25.38 -72.25
C ARG D 176 30.89 -24.07 -71.56
N VAL D 177 30.04 -23.27 -72.22
CA VAL D 177 29.55 -22.03 -71.65
C VAL D 177 28.96 -22.25 -70.26
N TYR D 178 28.05 -23.23 -70.17
CA TYR D 178 27.38 -23.49 -68.91
C TYR D 178 28.36 -24.05 -67.85
N LYS D 179 29.41 -24.73 -68.30
CA LYS D 179 30.44 -25.21 -67.39
C LYS D 179 31.21 -24.05 -66.76
N SER D 180 31.58 -23.08 -67.60
CA SER D 180 32.24 -21.87 -67.12
C SER D 180 31.33 -21.15 -66.13
N GLN D 181 30.04 -21.10 -66.46
CA GLN D 181 29.05 -20.51 -65.57
C GLN D 181 29.02 -21.22 -64.22
N LEU D 182 29.18 -22.55 -64.25
CA LEU D 182 29.25 -23.32 -63.02
C LEU D 182 30.45 -22.93 -62.18
N GLU D 183 31.61 -22.80 -62.82
CA GLU D 183 32.82 -22.40 -62.12
C GLU D 183 32.62 -21.04 -61.44
N GLN D 184 32.07 -20.10 -62.19
CA GLN D 184 31.85 -18.75 -61.69
C GLN D 184 30.88 -18.73 -60.51
N ILE D 185 29.76 -19.44 -60.64
CA ILE D 185 28.75 -19.42 -59.59
C ILE D 185 29.26 -20.11 -58.33
N GLU D 186 30.13 -21.11 -58.49
CA GLU D 186 30.72 -21.76 -57.33
C GLU D 186 31.67 -20.80 -56.61
N SER D 187 32.44 -20.05 -57.40
CA SER D 187 33.31 -19.02 -56.81
C SER D 187 32.48 -18.00 -56.03
N GLU D 188 31.37 -17.56 -56.62
CA GLU D 188 30.48 -16.59 -55.97
C GLU D 188 29.87 -17.16 -54.69
N ILE D 189 29.60 -18.46 -54.69
CA ILE D 189 29.07 -19.14 -53.50
C ILE D 189 30.11 -19.10 -52.39
N LEU D 190 31.36 -19.41 -52.72
CA LEU D 190 32.44 -19.32 -51.75
C LEU D 190 32.55 -17.91 -51.17
N SER D 191 32.52 -16.91 -52.04
CA SER D 191 32.60 -15.52 -51.60
C SER D 191 31.44 -15.16 -50.66
N ALA D 192 30.25 -15.66 -50.97
CA ALA D 192 29.08 -15.39 -50.16
C ALA D 192 29.23 -16.04 -48.78
N LYS D 193 29.79 -17.24 -48.75
CA LYS D 193 30.09 -17.91 -47.49
C LYS D 193 31.08 -17.06 -46.67
N GLU D 194 32.08 -16.49 -47.34
CA GLU D 194 33.07 -15.70 -46.62
C GLU D 194 32.51 -14.38 -46.08
N GLU D 195 31.53 -13.82 -46.79
CA GLU D 195 30.82 -12.65 -46.26
C GLU D 195 30.01 -13.04 -45.01
N TYR D 196 29.27 -14.14 -45.14
CA TYR D 196 28.47 -14.66 -44.04
C TYR D 196 29.31 -14.88 -42.78
N GLN D 197 30.48 -15.49 -42.93
CA GLN D 197 31.37 -15.66 -41.78
C GLN D 197 31.96 -14.32 -41.34
N LEU D 198 32.17 -13.41 -42.31
CA LEU D 198 32.76 -12.10 -42.00
C LEU D 198 31.90 -11.30 -41.03
N VAL D 199 30.58 -11.44 -41.15
CA VAL D 199 29.67 -10.75 -40.22
C VAL D 199 29.99 -11.07 -38.75
N THR D 200 29.97 -12.36 -38.43
CA THR D 200 30.22 -12.83 -37.07
C THR D 200 31.67 -12.56 -36.70
N ARG D 201 32.56 -12.62 -37.69
CA ARG D 201 33.97 -12.31 -37.46
C ARG D 201 34.14 -10.89 -36.92
N LEU D 202 33.54 -9.93 -37.61
CA LEU D 202 33.62 -8.53 -37.21
C LEU D 202 32.92 -8.27 -35.88
N PHE D 203 31.76 -8.88 -35.69
CA PHE D 203 31.03 -8.72 -34.43
C PHE D 203 31.87 -9.21 -33.25
N LYS D 204 32.42 -10.42 -33.40
CA LYS D 204 33.30 -11.02 -32.41
C LYS D 204 34.50 -10.11 -32.13
N ASN D 205 35.09 -9.60 -33.21
CA ASN D 205 36.25 -8.71 -33.09
C ASN D 205 35.93 -7.50 -32.23
N GLU D 206 34.80 -6.85 -32.53
CA GLU D 206 34.42 -5.65 -31.80
C GLU D 206 34.10 -5.97 -30.35
N ILE D 207 33.52 -7.14 -30.10
CA ILE D 207 33.25 -7.57 -28.74
C ILE D 207 34.53 -7.77 -27.93
N LEU D 208 35.50 -8.48 -28.50
CA LEU D 208 36.81 -8.66 -27.86
C LEU D 208 37.48 -7.32 -27.59
N ASP D 209 37.38 -6.42 -28.57
CA ASP D 209 37.95 -5.08 -28.46
C ASP D 209 37.35 -4.34 -27.25
N LYS D 210 36.03 -4.35 -27.17
CA LYS D 210 35.33 -3.68 -26.09
C LYS D 210 35.67 -4.31 -24.73
N LEU D 211 35.81 -5.63 -24.70
CA LEU D 211 36.19 -6.32 -23.47
C LEU D 211 37.58 -5.89 -23.01
N ARG D 212 38.51 -5.79 -23.96
CA ARG D 212 39.85 -5.30 -23.67
C ARG D 212 39.79 -3.92 -23.03
N GLN D 213 39.12 -3.00 -23.72
CA GLN D 213 39.00 -1.62 -23.26
C GLN D 213 38.39 -1.52 -21.86
N THR D 214 37.29 -2.24 -21.65
CA THR D 214 36.60 -2.20 -20.37
C THR D 214 37.42 -2.79 -19.24
N THR D 215 38.14 -3.89 -19.50
CA THR D 215 38.98 -4.46 -18.45
C THR D 215 40.13 -3.53 -18.06
N ASP D 216 40.84 -3.02 -19.07
CA ASP D 216 41.95 -2.11 -18.81
C ASP D 216 41.49 -0.86 -18.07
N ASN D 217 40.37 -0.29 -18.55
CA ASN D 217 39.79 0.89 -17.93
C ASN D 217 39.33 0.63 -16.50
N ILE D 218 38.80 -0.57 -16.24
CA ILE D 218 38.40 -0.93 -14.88
C ILE D 218 39.62 -0.95 -13.97
N GLU D 219 40.73 -1.48 -14.48
CA GLU D 219 41.97 -1.49 -13.72
C GLU D 219 42.40 -0.06 -13.36
N LEU D 220 42.48 0.79 -14.38
CA LEU D 220 42.93 2.16 -14.22
C LEU D 220 42.03 2.95 -13.27
N LEU D 221 40.73 2.77 -13.43
CA LEU D 221 39.74 3.42 -12.59
C LEU D 221 39.79 2.93 -11.16
N THR D 222 40.18 1.67 -10.98
CA THR D 222 40.34 1.13 -9.63
C THR D 222 41.51 1.81 -8.94
N LEU D 223 42.63 1.94 -9.66
CA LEU D 223 43.78 2.66 -9.10
C LEU D 223 43.42 4.10 -8.75
N GLU D 224 42.78 4.79 -9.69
CA GLU D 224 42.38 6.17 -9.49
C GLU D 224 41.44 6.32 -8.31
N LEU D 225 40.53 5.35 -8.15
CA LEU D 225 39.60 5.35 -7.03
C LEU D 225 40.34 5.21 -5.71
N GLU D 226 41.36 4.36 -5.71
CA GLU D 226 42.20 4.21 -4.52
C GLU D 226 42.84 5.55 -4.16
N LYS D 227 43.39 6.22 -5.17
CA LYS D 227 43.97 7.55 -4.95
C LYS D 227 42.96 8.55 -4.39
N ASN D 228 41.77 8.58 -4.99
CA ASN D 228 40.71 9.49 -4.55
C ASN D 228 40.32 9.25 -3.10
N GLU D 229 40.20 7.97 -2.73
CA GLU D 229 39.83 7.62 -1.37
C GLU D 229 40.96 7.98 -0.41
N GLU D 230 42.20 7.89 -0.88
CA GLU D 230 43.34 8.29 -0.06
C GLU D 230 43.32 9.79 0.20
N ARG D 231 43.01 10.59 -0.82
CA ARG D 231 42.97 12.04 -0.63
C ARG D 231 41.76 12.46 0.20
N GLN D 232 40.68 11.70 0.10
CA GLN D 232 39.42 12.06 0.73
C GLN D 232 39.45 11.79 2.23
N GLN D 233 40.38 10.91 2.64
CA GLN D 233 40.47 10.50 4.04
C GLN D 233 40.82 11.69 4.93
N ALA D 234 40.17 11.77 6.09
CA ALA D 234 40.21 12.95 6.94
C ALA D 234 41.59 13.37 7.43
N SER D 235 41.88 14.66 7.30
CA SER D 235 43.06 15.29 7.89
C SER D 235 42.74 15.73 9.31
N VAL D 236 43.71 15.58 10.22
CA VAL D 236 43.50 15.97 11.62
C VAL D 236 44.33 17.21 12.01
N ILE D 237 43.67 18.12 12.72
CA ILE D 237 44.36 19.29 13.28
C ILE D 237 44.63 19.04 14.76
N ARG D 238 45.92 19.07 15.13
CA ARG D 238 46.32 18.79 16.50
C ARG D 238 46.70 20.04 17.27
N ALA D 239 46.45 20.02 18.57
CA ALA D 239 46.79 21.13 19.46
C ALA D 239 48.29 21.38 19.48
N PRO D 240 48.70 22.61 19.11
CA PRO D 240 50.11 22.98 19.12
C PRO D 240 50.61 23.28 20.54
N VAL D 241 49.68 23.60 21.43
CA VAL D 241 49.98 23.84 22.84
C VAL D 241 48.91 23.22 23.73
N SER D 242 49.25 23.01 24.99
CA SER D 242 48.30 22.48 25.96
C SER D 242 47.45 23.58 26.59
N GLY D 243 46.25 23.23 27.03
CA GLY D 243 45.40 24.16 27.74
C GLY D 243 43.92 24.01 27.47
N LYS D 244 43.18 25.10 27.65
CA LYS D 244 41.73 25.08 27.53
C LYS D 244 41.27 25.66 26.19
N VAL D 245 40.20 25.08 25.65
CA VAL D 245 39.61 25.53 24.40
C VAL D 245 38.58 26.63 24.62
N GLN D 246 38.81 27.81 24.04
CA GLN D 246 37.87 28.92 24.14
C GLN D 246 37.49 29.37 22.73
N GLN D 247 36.34 30.01 22.61
CA GLN D 247 35.82 30.53 21.34
C GLN D 247 35.82 29.47 20.25
N LEU D 248 35.34 28.28 20.59
CA LEU D 248 35.23 27.16 19.66
C LEU D 248 33.99 27.33 18.78
N LYS D 249 34.18 27.30 17.46
CA LYS D 249 33.06 27.54 16.55
C LYS D 249 32.48 26.22 16.02
N VAL D 250 31.38 25.80 16.65
CA VAL D 250 30.71 24.55 16.31
C VAL D 250 30.01 24.65 14.95
N HIS D 251 29.44 25.83 14.69
CA HIS D 251 28.67 26.07 13.46
C HIS D 251 29.46 25.85 12.17
N THR D 252 30.77 25.68 12.27
CA THR D 252 31.60 25.49 11.10
C THR D 252 31.73 24.03 10.71
N GLU D 253 31.08 23.15 11.48
CA GLU D 253 31.07 21.74 11.12
C GLU D 253 30.20 21.50 9.89
N GLY D 254 30.77 20.80 8.92
CA GLY D 254 30.08 20.50 7.67
C GLY D 254 30.26 21.64 6.69
N GLY D 255 30.81 22.74 7.18
CA GLY D 255 31.05 23.94 6.38
C GLY D 255 32.46 24.08 5.86
N VAL D 256 32.64 24.99 4.92
CA VAL D 256 33.95 25.27 4.35
C VAL D 256 34.66 26.30 5.23
N VAL D 257 35.94 26.05 5.53
CA VAL D 257 36.74 27.04 6.25
C VAL D 257 37.96 27.45 5.45
N THR D 258 38.35 28.72 5.63
CA THR D 258 39.45 29.31 4.88
C THR D 258 40.59 29.68 5.82
N THR D 259 41.77 29.91 5.25
CA THR D 259 42.98 30.23 6.01
C THR D 259 42.82 31.45 6.92
N ALA D 260 41.78 32.24 6.69
CA ALA D 260 41.51 33.43 7.48
C ALA D 260 40.64 33.12 8.70
N GLU D 261 40.24 31.87 8.86
CA GLU D 261 39.35 31.47 9.95
C GLU D 261 40.06 31.08 11.23
N THR D 262 39.59 31.63 12.34
CA THR D 262 40.01 31.17 13.66
C THR D 262 38.96 30.19 14.15
N LEU D 263 39.28 28.91 14.11
CA LEU D 263 38.33 27.87 14.46
C LEU D 263 38.12 27.85 15.98
N MET D 264 39.20 28.09 16.70
CA MET D 264 39.18 28.13 18.16
C MET D 264 40.49 28.70 18.69
N VAL D 265 40.55 28.98 19.99
CA VAL D 265 41.79 29.44 20.60
C VAL D 265 42.15 28.59 21.81
N ILE D 266 43.44 28.34 22.01
CA ILE D 266 43.90 27.57 23.16
C ILE D 266 44.62 28.44 24.18
N VAL D 267 44.07 28.51 25.39
CA VAL D 267 44.65 29.36 26.44
C VAL D 267 45.21 28.51 27.58
N PRO D 268 46.44 28.82 28.03
CA PRO D 268 47.29 29.90 27.52
C PRO D 268 48.23 29.44 26.41
ZN ZN E . 2.83 37.88 -5.01
ZN ZN F . -10.75 33.43 43.55
ZN ZN G . -27.94 4.62 -26.89
ZN ZN H . 25.89 -26.00 -94.99
ZN ZN I . 30.51 32.18 15.45
#